data_2C8G
#
_entry.id   2C8G
#
_cell.length_a   105.671
_cell.length_b   74.951
_cell.length_c   121.199
_cell.angle_alpha   90.00
_cell.angle_beta   102.46
_cell.angle_gamma   90.00
#
_symmetry.space_group_name_H-M   'C 1 2 1'
#
loop_
_entity.id
_entity.type
_entity.pdbx_description
1 polymer 'MONO-ADP-RIBOSYLTRANSFERASE C3'
2 non-polymer 'SULFATE ION'
3 water water
#
_entity_poly.entity_id   1
_entity_poly.type   'polypeptide(L)'
_entity_poly.pdbx_seq_one_letter_code
;AYSNTYQEFTNIDQAKAWGNAQYKKYGLSKSEKEAIVSYTKSASEINGKLRQNKGVINGFPSNLIKQVELLDKSFNKMKT
PENIMLFRGDDPAYLGTEFQNTLLNSNGTINKTAFEKAKAKFLNKDRLEYGYISTSLMNVSAFAGRPIITKFKVAKGSKA
GYIDPISAFAGQLEMLLPRHSTYHIDDMRLSSDGKQIIITATMMGTAINPK
;
_entity_poly.pdbx_strand_id   A,B,C,D
#
loop_
_chem_comp.id
_chem_comp.type
_chem_comp.name
_chem_comp.formula
SO4 non-polymer 'SULFATE ION' 'O4 S -2'
#
# COMPACT_ATOMS: atom_id res chain seq x y z
N ASN A 4 34.67 0.56 6.91
CA ASN A 4 34.45 1.17 5.55
C ASN A 4 33.08 0.79 4.95
N THR A 5 32.93 -0.49 4.59
CA THR A 5 31.69 -0.97 3.96
C THR A 5 30.88 -1.87 4.89
N TYR A 6 29.56 -1.72 4.83
CA TYR A 6 28.63 -2.43 5.71
C TYR A 6 27.72 -3.33 4.88
N GLN A 7 27.73 -4.63 5.20
CA GLN A 7 26.87 -5.64 4.57
C GLN A 7 25.37 -5.28 4.70
N GLU A 8 24.70 -5.23 3.56
CA GLU A 8 23.26 -5.00 3.51
C GLU A 8 22.60 -6.21 2.84
N PHE A 9 21.83 -6.96 3.62
CA PHE A 9 21.09 -8.11 3.12
C PHE A 9 19.99 -7.67 2.15
N THR A 10 19.89 -8.36 1.02
CA THR A 10 18.93 -8.03 -0.02
C THR A 10 17.95 -9.17 -0.26
N ASN A 11 18.06 -10.23 0.53
CA ASN A 11 17.30 -11.45 0.31
C ASN A 11 16.97 -12.07 1.66
N ILE A 12 15.68 -12.30 1.91
CA ILE A 12 15.21 -12.78 3.21
C ILE A 12 15.84 -14.10 3.63
N ASP A 13 15.89 -15.09 2.73
CA ASP A 13 16.48 -16.40 3.06
C ASP A 13 17.98 -16.31 3.37
N GLN A 14 18.71 -15.45 2.68
CA GLN A 14 20.14 -15.21 2.97
C GLN A 14 20.30 -14.62 4.36
N ALA A 15 19.44 -13.64 4.68
CA ALA A 15 19.47 -13.00 5.99
C ALA A 15 19.16 -14.00 7.09
N LYS A 16 18.09 -14.77 6.90
CA LYS A 16 17.69 -15.81 7.84
C LYS A 16 18.84 -16.82 8.07
N ALA A 17 19.48 -17.25 6.98
CA ALA A 17 20.54 -18.25 7.06
C ALA A 17 21.70 -17.71 7.91
N TRP A 18 22.14 -16.49 7.62
CA TRP A 18 23.26 -15.86 8.33
C TRP A 18 22.94 -15.62 9.80
N GLY A 19 21.71 -15.16 10.05
CA GLY A 19 21.25 -14.86 11.39
C GLY A 19 21.18 -16.12 12.24
N ASN A 20 20.58 -17.17 11.70
CA ASN A 20 20.50 -18.48 12.37
C ASN A 20 21.87 -19.05 12.70
N ALA A 21 22.85 -18.84 11.82
CA ALA A 21 24.21 -19.32 12.06
C ALA A 21 24.84 -18.56 13.21
N GLN A 22 24.55 -17.25 13.33
CA GLN A 22 25.04 -16.47 14.46
C GLN A 22 24.41 -16.95 15.75
N TYR A 23 23.09 -17.15 15.74
CA TYR A 23 22.36 -17.53 16.95
C TYR A 23 22.87 -18.85 17.53
N LYS A 24 23.16 -19.82 16.66
CA LYS A 24 23.67 -21.12 17.07
C LYS A 24 24.98 -21.04 17.88
N LYS A 25 25.77 -20.02 17.63
CA LYS A 25 27.07 -19.87 18.28
C LYS A 25 27.03 -19.13 19.63
N TYR A 26 25.92 -18.48 19.98
CA TYR A 26 25.91 -17.59 21.16
C TYR A 26 26.10 -18.33 22.49
N GLY A 27 25.44 -19.48 22.63
CA GLY A 27 25.47 -20.23 23.88
C GLY A 27 24.79 -19.51 25.03
N LEU A 28 23.63 -18.93 24.76
CA LEU A 28 22.88 -18.21 25.78
C LEU A 28 22.46 -19.17 26.88
N SER A 29 22.51 -18.69 28.12
CA SER A 29 22.02 -19.45 29.27
C SER A 29 20.50 -19.58 29.19
N LYS A 30 19.95 -20.52 29.94
CA LYS A 30 18.51 -20.72 29.98
C LYS A 30 17.79 -19.43 30.48
N SER A 31 18.39 -18.77 31.47
CA SER A 31 17.84 -17.55 32.07
C SER A 31 17.90 -16.40 31.08
N GLU A 32 18.96 -16.38 30.28
CA GLU A 32 19.13 -15.34 29.28
C GLU A 32 18.08 -15.49 28.17
N LYS A 33 17.81 -16.70 27.74
CA LYS A 33 16.82 -16.96 26.69
C LYS A 33 15.42 -16.54 27.17
N GLU A 34 15.09 -16.90 28.41
CA GLU A 34 13.85 -16.48 29.05
C GLU A 34 13.69 -14.96 29.06
N ALA A 35 14.76 -14.26 29.38
CA ALA A 35 14.70 -12.80 29.48
C ALA A 35 14.46 -12.19 28.11
N ILE A 36 15.04 -12.79 27.09
CA ILE A 36 14.91 -12.33 25.72
C ILE A 36 13.51 -12.60 25.17
N VAL A 37 12.96 -13.79 25.43
CA VAL A 37 11.59 -14.13 25.01
C VAL A 37 10.64 -13.09 25.60
N SER A 38 10.79 -12.83 26.90
CA SER A 38 9.92 -11.88 27.61
C SER A 38 10.03 -10.48 27.02
N TYR A 39 11.26 -10.08 26.67
CA TYR A 39 11.50 -8.78 26.05
C TYR A 39 10.71 -8.61 24.74
N THR A 40 10.64 -9.65 23.91
CA THR A 40 9.88 -9.53 22.65
C THR A 40 8.37 -9.36 22.91
N LYS A 41 7.86 -9.88 24.03
CA LYS A 41 6.44 -9.71 24.37
C LYS A 41 6.15 -8.40 25.08
N SER A 42 7.17 -7.75 25.64
CA SER A 42 6.93 -6.60 26.51
C SER A 42 7.93 -5.45 26.32
N ALA A 43 8.46 -5.30 25.11
CA ALA A 43 9.51 -4.30 24.82
C ALA A 43 9.09 -2.86 25.08
N SER A 44 7.88 -2.50 24.71
CA SER A 44 7.45 -1.12 24.83
C SER A 44 7.36 -0.69 26.30
N GLU A 45 7.02 -1.63 27.17
CA GLU A 45 6.96 -1.40 28.62
C GLU A 45 8.38 -1.26 29.23
N ILE A 46 9.24 -2.21 28.95
CA ILE A 46 10.64 -2.18 29.42
C ILE A 46 11.37 -0.94 28.93
N ASN A 47 11.28 -0.67 27.63
CA ASN A 47 11.96 0.48 27.04
C ASN A 47 11.36 1.78 27.55
N GLY A 48 10.02 1.81 27.69
CA GLY A 48 9.31 2.94 28.27
C GLY A 48 9.78 3.31 29.68
N LYS A 49 9.92 2.31 30.56
CA LYS A 49 10.40 2.54 31.94
C LYS A 49 11.86 2.99 31.97
N LEU A 50 12.67 2.45 31.06
CA LEU A 50 14.08 2.85 30.96
C LEU A 50 14.21 4.30 30.53
N ARG A 51 13.42 4.72 29.56
CA ARG A 51 13.38 6.11 29.11
C ARG A 51 12.88 7.03 30.19
N GLN A 52 11.82 6.62 30.88
CA GLN A 52 11.21 7.42 31.93
C GLN A 52 12.18 7.68 33.10
N ASN A 53 13.12 6.77 33.34
CA ASN A 53 14.02 6.82 34.50
C ASN A 53 15.48 7.02 34.09
N LYS A 54 15.71 7.37 32.83
CA LYS A 54 17.04 7.64 32.29
C LYS A 54 18.06 6.53 32.62
N GLY A 55 17.63 5.28 32.46
CA GLY A 55 18.53 4.14 32.61
C GLY A 55 18.72 3.64 34.03
N VAL A 56 18.16 4.34 35.01
CA VAL A 56 18.24 3.95 36.43
C VAL A 56 17.16 2.91 36.75
N ILE A 57 17.58 1.69 37.10
CA ILE A 57 16.63 0.59 37.31
C ILE A 57 16.36 0.29 38.79
N ASN A 58 16.94 1.08 39.70
CA ASN A 58 16.90 0.82 41.14
C ASN A 58 15.48 0.74 41.72
N GLY A 59 14.58 1.56 41.18
CA GLY A 59 13.20 1.58 41.62
C GLY A 59 12.29 0.57 40.92
N PHE A 60 12.81 -0.21 39.98
CA PHE A 60 12.00 -1.22 39.29
C PHE A 60 11.65 -2.37 40.22
N PRO A 61 10.54 -3.06 39.97
CA PRO A 61 10.27 -4.36 40.58
C PRO A 61 11.46 -5.33 40.46
N SER A 62 11.61 -6.20 41.45
CA SER A 62 12.75 -7.12 41.52
C SER A 62 12.90 -8.05 40.30
N ASN A 63 11.78 -8.52 39.74
CA ASN A 63 11.80 -9.37 38.54
C ASN A 63 12.27 -8.62 37.28
N LEU A 64 11.99 -7.32 37.22
CA LEU A 64 12.40 -6.51 36.10
C LEU A 64 13.88 -6.13 36.17
N ILE A 65 14.40 -5.89 37.37
CA ILE A 65 15.83 -5.66 37.57
C ILE A 65 16.58 -6.90 37.05
N LYS A 66 16.11 -8.07 37.44
CA LYS A 66 16.74 -9.31 37.04
C LYS A 66 16.68 -9.50 35.53
N GLN A 67 15.57 -9.12 34.92
CA GLN A 67 15.42 -9.30 33.48
C GLN A 67 16.37 -8.36 32.74
N VAL A 68 16.45 -7.11 33.18
CA VAL A 68 17.34 -6.13 32.57
C VAL A 68 18.81 -6.57 32.70
N GLU A 69 19.22 -7.06 33.86
CA GLU A 69 20.58 -7.53 34.09
C GLU A 69 20.92 -8.73 33.22
N LEU A 70 19.94 -9.59 32.99
CA LEU A 70 20.15 -10.76 32.15
C LEU A 70 20.31 -10.38 30.68
N LEU A 71 19.54 -9.38 30.24
CA LEU A 71 19.60 -8.89 28.87
C LEU A 71 20.97 -8.22 28.63
N ASP A 72 21.39 -7.40 29.59
CA ASP A 72 22.68 -6.70 29.49
C ASP A 72 23.80 -7.71 29.41
N LYS A 73 23.75 -8.71 30.28
CA LYS A 73 24.75 -9.78 30.32
C LYS A 73 24.78 -10.60 29.02
N SER A 74 23.63 -10.77 28.37
CA SER A 74 23.55 -11.58 27.15
C SER A 74 24.43 -11.03 26.03
N PHE A 75 24.63 -9.71 25.99
CA PHE A 75 25.47 -9.08 24.96
C PHE A 75 26.98 -9.34 25.10
N ASN A 76 27.41 -9.96 26.19
CA ASN A 76 28.78 -10.50 26.29
C ASN A 76 28.98 -11.70 25.35
N LYS A 77 27.91 -12.41 25.02
CA LYS A 77 27.94 -13.50 24.05
C LYS A 77 27.48 -13.11 22.63
N MET A 78 26.85 -11.93 22.47
CA MET A 78 26.22 -11.57 21.19
C MET A 78 26.92 -10.38 20.56
N LYS A 79 27.81 -10.68 19.62
CA LYS A 79 28.51 -9.64 18.86
C LYS A 79 28.36 -9.97 17.40
N THR A 80 28.38 -8.95 16.55
CA THR A 80 28.33 -9.14 15.10
C THR A 80 29.76 -9.37 14.59
N PRO A 81 29.95 -10.36 13.72
CA PRO A 81 31.29 -10.69 13.21
C PRO A 81 31.75 -9.82 12.04
N GLU A 82 30.89 -8.91 11.58
CA GLU A 82 31.23 -8.03 10.48
C GLU A 82 30.47 -6.71 10.57
N ASN A 83 30.96 -5.71 9.83
CA ASN A 83 30.22 -4.49 9.58
C ASN A 83 28.85 -4.84 8.93
N ILE A 84 27.77 -4.38 9.55
CA ILE A 84 26.41 -4.71 9.14
C ILE A 84 25.46 -3.51 9.21
N MET A 85 24.49 -3.50 8.30
CA MET A 85 23.46 -2.46 8.26
C MET A 85 22.19 -3.02 8.89
N LEU A 86 21.61 -2.29 9.84
CA LEU A 86 20.36 -2.67 10.51
C LEU A 86 19.26 -1.64 10.25
N PHE A 87 18.02 -2.08 10.34
CA PHE A 87 16.86 -1.28 9.93
C PHE A 87 15.82 -1.19 11.02
N ARG A 88 15.25 -0.01 11.16
CA ARG A 88 14.21 0.24 12.16
C ARG A 88 13.14 1.17 11.63
N GLY A 89 11.86 0.85 11.90
CA GLY A 89 10.76 1.72 11.54
C GLY A 89 10.21 2.45 12.76
N ASP A 90 9.85 3.73 12.63
CA ASP A 90 9.36 4.54 13.76
C ASP A 90 8.18 5.44 13.38
N ASP A 91 7.36 5.74 14.37
CA ASP A 91 6.25 6.69 14.27
C ASP A 91 6.75 8.09 14.61
N PRO A 92 5.94 9.13 14.35
CA PRO A 92 6.37 10.53 14.54
C PRO A 92 6.91 10.92 15.92
N ALA A 93 6.41 10.33 17.00
CA ALA A 93 6.80 10.72 18.37
C ALA A 93 8.27 10.43 18.70
N TYR A 94 8.89 9.60 17.86
CA TYR A 94 10.32 9.32 17.92
C TYR A 94 11.16 10.58 17.76
N LEU A 95 10.67 11.53 16.96
CA LEU A 95 11.35 12.80 16.77
C LEU A 95 11.09 13.82 17.90
N GLY A 96 10.09 13.54 18.74
CA GLY A 96 9.71 14.44 19.84
C GLY A 96 8.21 14.69 19.89
N THR A 97 7.72 15.13 21.06
CA THR A 97 6.29 15.43 21.24
C THR A 97 5.75 16.37 20.16
N GLU A 98 6.57 17.31 19.73
CA GLU A 98 6.15 18.33 18.78
C GLU A 98 5.79 17.78 17.38
N PHE A 99 6.38 16.64 17.01
CA PHE A 99 6.12 16.03 15.71
C PHE A 99 4.92 15.10 15.66
N GLN A 100 4.38 14.71 16.83
CA GLN A 100 3.28 13.74 16.93
C GLN A 100 2.10 14.05 15.99
N ASN A 101 1.65 15.30 16.01
CA ASN A 101 0.52 15.72 15.19
C ASN A 101 0.89 16.68 14.04
N THR A 102 2.17 16.83 13.74
CA THR A 102 2.63 17.79 12.72
C THR A 102 3.47 17.21 11.58
N LEU A 103 4.03 16.01 11.76
CA LEU A 103 4.97 15.46 10.80
C LEU A 103 4.29 15.10 9.48
N LEU A 104 3.08 14.57 9.56
CA LEU A 104 2.36 14.02 8.43
C LEU A 104 1.24 14.95 7.96
N ASN A 105 1.22 15.21 6.65
CA ASN A 105 0.09 15.85 6.01
C ASN A 105 -1.16 14.95 6.01
N SER A 106 -2.32 15.54 5.68
CA SER A 106 -3.59 14.82 5.61
C SER A 106 -3.53 13.71 4.57
N ASN A 107 -2.81 13.97 3.48
CA ASN A 107 -2.71 13.01 2.38
C ASN A 107 -1.75 11.84 2.65
N GLY A 108 -0.88 11.99 3.64
CA GLY A 108 0.02 10.91 4.05
C GLY A 108 1.48 11.14 3.74
N THR A 109 1.81 12.30 3.17
CA THR A 109 3.20 12.65 2.88
C THR A 109 3.82 13.32 4.10
N ILE A 110 5.14 13.33 4.14
CA ILE A 110 5.88 14.05 5.16
C ILE A 110 5.69 15.53 4.87
N ASN A 111 5.20 16.28 5.85
CA ASN A 111 5.19 17.74 5.78
C ASN A 111 6.61 18.26 5.70
N LYS A 112 6.88 19.11 4.71
CA LYS A 112 8.23 19.53 4.38
C LYS A 112 8.81 20.52 5.40
N THR A 113 7.95 21.34 5.98
CA THR A 113 8.36 22.25 7.06
C THR A 113 8.72 21.46 8.33
N ALA A 114 7.89 20.49 8.70
CA ALA A 114 8.20 19.59 9.81
C ALA A 114 9.51 18.83 9.59
N PHE A 115 9.76 18.45 8.35
CA PHE A 115 10.99 17.76 7.97
C PHE A 115 12.20 18.63 8.23
N GLU A 116 12.10 19.91 7.88
CA GLU A 116 13.20 20.86 8.03
C GLU A 116 13.49 21.09 9.50
N LYS A 117 12.45 21.12 10.33
CA LYS A 117 12.62 21.22 11.77
C LYS A 117 13.33 19.98 12.33
N ALA A 118 13.01 18.81 11.78
CA ALA A 118 13.61 17.55 12.23
C ALA A 118 15.09 17.45 11.90
N LYS A 119 15.50 17.89 10.72
CA LYS A 119 16.92 17.93 10.33
C LYS A 119 17.69 18.93 11.16
N ALA A 120 17.06 20.07 11.43
CA ALA A 120 17.66 21.09 12.25
C ALA A 120 17.88 20.55 13.65
N LYS A 121 16.98 19.68 14.10
CA LYS A 121 17.05 19.13 15.43
C LYS A 121 18.07 17.98 15.57
N PHE A 122 18.27 17.20 14.51
CA PHE A 122 18.96 15.90 14.63
C PHE A 122 20.17 15.72 13.70
N LEU A 123 20.19 16.40 12.56
CA LEU A 123 21.20 16.14 11.55
C LEU A 123 22.58 16.48 12.09
N ASN A 124 23.53 15.58 11.85
CA ASN A 124 24.90 15.69 12.33
C ASN A 124 25.01 15.86 13.86
N LYS A 125 24.12 15.21 14.60
CA LYS A 125 24.12 15.22 16.06
C LYS A 125 24.09 13.79 16.64
N ASP A 126 24.50 13.69 17.91
CA ASP A 126 24.49 12.43 18.64
C ASP A 126 23.14 12.30 19.30
N ARG A 127 22.75 11.06 19.57
CA ARG A 127 21.49 10.77 20.24
C ARG A 127 21.68 9.56 21.13
N LEU A 128 21.24 9.67 22.38
CA LEU A 128 21.35 8.59 23.36
C LEU A 128 20.00 7.95 23.51
N GLU A 129 19.97 6.61 23.45
CA GLU A 129 18.75 5.84 23.64
C GLU A 129 18.87 5.02 24.91
N TYR A 130 17.98 5.29 25.86
CA TYR A 130 17.94 4.60 27.15
C TYR A 130 17.41 3.16 27.06
N GLY A 131 16.47 2.92 26.16
CA GLY A 131 15.95 1.57 25.97
C GLY A 131 16.89 0.74 25.11
N TYR A 132 16.56 -0.54 24.98
CA TYR A 132 17.18 -1.41 23.97
C TYR A 132 16.67 -0.98 22.59
N ILE A 133 17.43 -1.28 21.54
CA ILE A 133 17.00 -0.99 20.18
C ILE A 133 16.75 -2.28 19.40
N SER A 134 15.48 -2.56 19.12
CA SER A 134 15.06 -3.66 18.23
C SER A 134 15.23 -3.21 16.79
N THR A 135 15.85 -4.04 15.97
CA THR A 135 16.05 -3.72 14.55
C THR A 135 15.78 -4.97 13.74
N SER A 136 15.86 -4.84 12.41
CA SER A 136 15.73 -5.96 11.50
C SER A 136 16.90 -5.98 10.54
N LEU A 137 17.25 -7.17 10.04
CA LEU A 137 18.30 -7.31 9.04
C LEU A 137 17.92 -6.69 7.69
N MET A 138 16.63 -6.41 7.51
CA MET A 138 16.13 -5.79 6.28
C MET A 138 15.02 -4.79 6.55
N ASN A 139 14.66 -4.02 5.53
CA ASN A 139 13.50 -3.15 5.58
C ASN A 139 12.25 -3.99 5.33
N VAL A 140 11.80 -4.68 6.37
CA VAL A 140 10.71 -5.65 6.25
C VAL A 140 9.35 -4.96 6.15
N SER A 141 8.37 -5.71 5.66
CA SER A 141 7.06 -5.19 5.31
C SER A 141 6.34 -4.59 6.51
N ALA A 142 6.65 -5.12 7.70
CA ALA A 142 6.10 -4.58 8.94
C ALA A 142 6.30 -3.07 9.12
N PHE A 143 7.36 -2.47 8.59
CA PHE A 143 7.44 -1.01 8.67
C PHE A 143 7.12 -0.22 7.39
N ALA A 144 6.47 -0.87 6.42
CA ALA A 144 5.98 -0.18 5.23
C ALA A 144 5.14 1.06 5.57
N GLY A 145 4.28 0.92 6.57
CA GLY A 145 3.39 2.00 6.99
C GLY A 145 4.00 3.04 7.93
N ARG A 146 5.26 2.84 8.32
CA ARG A 146 5.92 3.74 9.27
C ARG A 146 6.63 4.91 8.55
N PRO A 147 6.39 6.14 9.00
CA PRO A 147 6.95 7.33 8.32
C PRO A 147 8.47 7.57 8.48
N ILE A 148 9.14 6.90 9.41
CA ILE A 148 10.59 7.10 9.58
C ILE A 148 11.30 5.74 9.50
N ILE A 149 12.24 5.61 8.58
CA ILE A 149 13.11 4.46 8.47
C ILE A 149 14.52 4.87 8.85
N THR A 150 15.11 4.23 9.85
CA THR A 150 16.50 4.45 10.21
C THR A 150 17.37 3.29 9.76
N LYS A 151 18.53 3.60 9.20
CA LYS A 151 19.53 2.62 8.82
C LYS A 151 20.76 2.83 9.70
N PHE A 152 21.03 1.85 10.57
CA PHE A 152 22.15 1.89 11.48
C PHE A 152 23.34 1.15 10.89
N LYS A 153 24.48 1.82 10.79
CA LYS A 153 25.75 1.19 10.44
C LYS A 153 26.38 0.67 11.73
N VAL A 154 26.43 -0.64 11.89
CA VAL A 154 26.96 -1.27 13.10
C VAL A 154 28.30 -1.93 12.77
N ALA A 155 29.34 -1.56 13.52
CA ALA A 155 30.71 -2.00 13.23
C ALA A 155 30.99 -3.41 13.71
N LYS A 156 31.88 -4.11 13.02
CA LYS A 156 32.35 -5.44 13.44
C LYS A 156 32.79 -5.42 14.91
N GLY A 157 32.53 -6.52 15.62
CA GLY A 157 32.81 -6.62 17.05
C GLY A 157 31.79 -5.99 17.98
N SER A 158 30.84 -5.21 17.46
CA SER A 158 29.85 -4.52 18.29
C SER A 158 28.82 -5.47 18.89
N LYS A 159 28.29 -5.08 20.05
CA LYS A 159 27.23 -5.81 20.71
C LYS A 159 25.97 -5.74 19.85
N ALA A 160 25.47 -6.92 19.49
CA ALA A 160 24.33 -7.09 18.58
C ALA A 160 24.01 -8.58 18.50
N GLY A 161 22.75 -8.97 18.72
CA GLY A 161 22.37 -10.37 18.66
C GLY A 161 21.14 -10.67 17.81
N TYR A 162 21.24 -11.73 17.00
CA TYR A 162 20.09 -12.26 16.25
C TYR A 162 19.19 -13.06 17.18
N ILE A 163 18.17 -12.41 17.72
CA ILE A 163 17.27 -13.06 18.67
C ILE A 163 16.00 -13.66 18.03
N ASP A 164 15.83 -13.44 16.73
CA ASP A 164 14.67 -13.94 15.99
C ASP A 164 14.24 -15.38 16.32
N PRO A 165 15.16 -16.35 16.36
CA PRO A 165 14.74 -17.74 16.61
C PRO A 165 13.96 -17.92 17.91
N ILE A 166 14.20 -17.10 18.93
CA ILE A 166 13.42 -17.22 20.17
C ILE A 166 12.39 -16.11 20.41
N SER A 167 12.24 -15.20 19.45
CA SER A 167 11.17 -14.21 19.53
C SER A 167 9.79 -14.89 19.56
N ALA A 168 8.87 -14.29 20.31
CA ALA A 168 7.47 -14.72 20.33
C ALA A 168 6.71 -14.29 19.07
N PHE A 169 7.33 -13.49 18.21
CA PHE A 169 6.71 -12.98 16.98
C PHE A 169 7.50 -13.33 15.72
N ALA A 170 6.80 -13.55 14.61
CA ALA A 170 7.40 -14.08 13.38
C ALA A 170 7.75 -13.01 12.33
N GLY A 171 8.74 -13.34 11.48
CA GLY A 171 9.00 -12.62 10.25
C GLY A 171 9.74 -11.29 10.32
N GLN A 172 10.32 -10.94 11.46
CA GLN A 172 10.97 -9.62 11.60
C GLN A 172 12.51 -9.60 11.45
N LEU A 173 13.12 -10.77 11.25
CA LEU A 173 14.58 -10.87 11.12
C LEU A 173 15.28 -10.03 12.20
N GLU A 174 14.85 -10.24 13.45
CA GLU A 174 15.14 -9.30 14.54
C GLU A 174 16.57 -9.41 15.07
N MET A 175 17.30 -8.29 14.99
CA MET A 175 18.59 -8.09 15.65
C MET A 175 18.44 -7.06 16.76
N LEU A 176 18.84 -7.42 17.97
CA LEU A 176 18.72 -6.52 19.12
C LEU A 176 20.07 -5.88 19.44
N LEU A 177 20.02 -4.60 19.84
CA LEU A 177 21.19 -3.83 20.30
C LEU A 177 21.04 -3.42 21.76
N PRO A 178 22.19 -3.23 22.45
CA PRO A 178 22.15 -2.92 23.88
C PRO A 178 21.47 -1.62 24.22
N ARG A 179 20.97 -1.53 25.44
CA ARG A 179 20.45 -0.27 25.95
C ARG A 179 21.57 0.73 26.26
N HIS A 180 21.15 1.98 26.39
CA HIS A 180 22.06 3.09 26.68
C HIS A 180 23.10 3.31 25.58
N SER A 181 22.70 3.03 24.33
CA SER A 181 23.58 3.21 23.16
C SER A 181 23.48 4.61 22.59
N THR A 182 24.58 5.07 21.98
CA THR A 182 24.66 6.38 21.35
C THR A 182 24.91 6.17 19.87
N TYR A 183 24.16 6.87 19.03
CA TYR A 183 24.39 6.87 17.59
C TYR A 183 24.45 8.29 17.03
N HIS A 184 25.16 8.46 15.93
CA HIS A 184 25.32 9.77 15.32
C HIS A 184 24.58 9.80 14.00
N ILE A 185 23.62 10.72 13.86
CA ILE A 185 22.84 10.81 12.63
C ILE A 185 23.64 11.50 11.52
N ASP A 186 24.04 10.73 10.51
CA ASP A 186 24.87 11.23 9.40
C ASP A 186 24.07 11.91 8.29
N ASP A 187 22.88 11.41 8.01
CA ASP A 187 22.07 11.93 6.91
C ASP A 187 20.57 11.73 7.12
N MET A 188 19.79 12.67 6.61
CA MET A 188 18.33 12.63 6.66
C MET A 188 17.76 13.15 5.35
N ARG A 189 16.98 12.33 4.65
CA ARG A 189 16.38 12.73 3.37
C ARG A 189 14.99 12.11 3.20
N LEU A 190 14.24 12.62 2.23
CA LEU A 190 12.91 12.09 1.95
C LEU A 190 13.03 10.91 1.00
N SER A 191 12.13 9.95 1.15
CA SER A 191 12.05 8.83 0.22
C SER A 191 11.54 9.34 -1.13
N SER A 192 11.78 8.56 -2.17
CA SER A 192 11.36 8.90 -3.54
C SER A 192 9.91 9.37 -3.65
N ASP A 193 8.99 8.61 -3.06
CA ASP A 193 7.57 8.99 -3.08
C ASP A 193 7.13 10.01 -2.00
N GLY A 194 8.07 10.49 -1.20
CA GLY A 194 7.81 11.52 -0.20
C GLY A 194 7.01 11.11 1.03
N LYS A 195 6.78 9.80 1.23
CA LYS A 195 5.97 9.32 2.36
C LYS A 195 6.78 8.96 3.64
N GLN A 196 8.10 8.91 3.50
CA GLN A 196 8.98 8.56 4.61
C GLN A 196 10.26 9.42 4.69
N ILE A 197 10.78 9.58 5.92
CA ILE A 197 12.11 10.11 6.17
C ILE A 197 13.08 8.95 6.33
N ILE A 198 14.12 8.92 5.49
CA ILE A 198 15.18 7.94 5.60
C ILE A 198 16.35 8.55 6.37
N ILE A 199 16.70 7.95 7.51
CA ILE A 199 17.78 8.40 8.35
C ILE A 199 18.92 7.39 8.29
N THR A 200 20.14 7.86 8.09
CA THR A 200 21.33 7.03 8.20
C THR A 200 22.11 7.47 9.44
N ALA A 201 22.51 6.49 10.25
CA ALA A 201 23.13 6.74 11.54
C ALA A 201 24.26 5.75 11.75
N THR A 202 25.34 6.22 12.39
CA THR A 202 26.46 5.37 12.77
C THR A 202 26.36 5.02 14.26
N MET A 203 26.27 3.74 14.54
CA MET A 203 26.18 3.24 15.89
C MET A 203 27.53 3.29 16.58
N MET A 204 27.55 3.81 17.79
CA MET A 204 28.75 3.83 18.61
C MET A 204 28.50 2.96 19.83
N GLY A 205 29.01 3.33 20.99
CA GLY A 205 29.00 2.43 22.13
C GLY A 205 27.75 2.50 22.99
N THR A 206 27.73 1.62 23.98
CA THR A 206 26.78 1.68 25.10
C THR A 206 27.60 1.88 26.38
N ALA A 207 27.01 2.54 27.37
CA ALA A 207 27.66 2.76 28.66
C ALA A 207 27.41 1.62 29.68
N ILE A 208 26.81 0.52 29.24
CA ILE A 208 26.49 -0.60 30.13
C ILE A 208 27.22 -1.86 29.70
N ASN A 209 28.26 -2.19 30.46
CA ASN A 209 29.15 -3.31 30.16
C ASN A 209 29.34 -4.19 31.40
N PRO A 210 28.39 -5.10 31.67
CA PRO A 210 28.42 -5.92 32.90
C PRO A 210 29.55 -6.96 32.90
N THR B 5 -20.68 28.45 -1.89
CA THR B 5 -21.21 28.02 -3.21
C THR B 5 -20.34 28.58 -4.35
N TYR B 6 -20.37 27.91 -5.50
CA TYR B 6 -19.48 28.22 -6.63
C TYR B 6 -20.31 28.58 -7.87
N GLN B 7 -19.93 29.68 -8.53
CA GLN B 7 -20.65 30.18 -9.72
C GLN B 7 -20.35 29.32 -10.94
N GLU B 8 -21.41 28.75 -11.52
CA GLU B 8 -21.31 28.01 -12.76
C GLU B 8 -22.06 28.77 -13.84
N PHE B 9 -21.32 29.26 -14.82
CA PHE B 9 -21.92 29.96 -15.95
C PHE B 9 -22.63 28.95 -16.85
N THR B 10 -23.86 29.26 -17.21
CA THR B 10 -24.72 28.34 -17.95
C THR B 10 -25.09 28.91 -19.32
N ASN B 11 -24.46 30.02 -19.67
CA ASN B 11 -24.82 30.79 -20.83
C ASN B 11 -23.62 31.60 -21.29
N ILE B 12 -23.30 31.51 -22.58
CA ILE B 12 -22.06 32.07 -23.12
C ILE B 12 -21.90 33.58 -22.92
N ASP B 13 -22.97 34.35 -23.11
CA ASP B 13 -22.87 35.82 -23.00
C ASP B 13 -22.65 36.28 -21.57
N GLN B 14 -23.29 35.59 -20.63
CA GLN B 14 -23.05 35.79 -19.22
C GLN B 14 -21.54 35.63 -18.93
N ALA B 15 -20.96 34.55 -19.42
CA ALA B 15 -19.56 34.22 -19.16
C ALA B 15 -18.62 35.23 -19.77
N LYS B 16 -18.89 35.62 -21.02
CA LYS B 16 -18.04 36.56 -21.73
C LYS B 16 -18.02 37.96 -21.09
N ALA B 17 -19.19 38.43 -20.65
CA ALA B 17 -19.30 39.74 -19.99
C ALA B 17 -18.55 39.76 -18.65
N TRP B 18 -18.62 38.66 -17.91
CA TRP B 18 -17.89 38.52 -16.64
C TRP B 18 -16.39 38.51 -16.91
N GLY B 19 -15.99 37.75 -17.93
CA GLY B 19 -14.59 37.63 -18.29
C GLY B 19 -14.00 38.96 -18.73
N ASN B 20 -14.72 39.67 -19.60
CA ASN B 20 -14.29 40.97 -20.07
C ASN B 20 -14.22 41.92 -18.89
N ALA B 21 -15.21 41.86 -18.00
CA ALA B 21 -15.22 42.69 -16.80
C ALA B 21 -13.95 42.48 -15.96
N GLN B 22 -13.51 41.23 -15.80
CA GLN B 22 -12.31 40.93 -15.01
C GLN B 22 -11.06 41.39 -15.76
N TYR B 23 -11.07 41.25 -17.08
CA TYR B 23 -9.89 41.58 -17.88
C TYR B 23 -9.52 43.07 -17.78
N LYS B 24 -10.54 43.92 -17.66
CA LYS B 24 -10.36 45.39 -17.64
C LYS B 24 -9.62 45.85 -16.38
N LYS B 25 -9.78 45.10 -15.29
CA LYS B 25 -9.10 45.37 -14.02
C LYS B 25 -7.62 44.97 -14.01
N TYR B 26 -7.20 44.07 -14.90
CA TYR B 26 -5.89 43.46 -14.81
C TYR B 26 -4.74 44.47 -14.88
N GLY B 27 -4.68 45.21 -15.97
CA GLY B 27 -3.60 46.17 -16.17
C GLY B 27 -2.28 45.49 -16.48
N LEU B 28 -2.31 44.59 -17.47
CA LEU B 28 -1.12 43.83 -17.90
C LEU B 28 -0.19 44.72 -18.69
N SER B 29 1.11 44.53 -18.51
CA SER B 29 2.13 45.20 -19.31
C SER B 29 2.22 44.55 -20.68
N LYS B 30 2.86 45.24 -21.61
CA LYS B 30 3.05 44.75 -22.98
C LYS B 30 3.84 43.44 -23.02
N SER B 31 4.89 43.33 -22.20
CA SER B 31 5.73 42.13 -22.21
C SER B 31 4.99 40.92 -21.63
N GLU B 32 4.08 41.16 -20.69
CA GLU B 32 3.27 40.10 -20.10
C GLU B 32 2.25 39.53 -21.10
N LYS B 33 1.63 40.39 -21.89
CA LYS B 33 0.68 39.96 -22.92
C LYS B 33 1.40 39.17 -24.02
N GLU B 34 2.63 39.56 -24.33
CA GLU B 34 3.43 38.87 -25.36
C GLU B 34 3.76 37.45 -24.93
N ALA B 35 4.04 37.25 -23.65
CA ALA B 35 4.36 35.92 -23.13
C ALA B 35 3.10 35.05 -23.16
N ILE B 36 1.97 35.61 -22.75
CA ILE B 36 0.68 34.91 -22.80
C ILE B 36 0.32 34.51 -24.23
N VAL B 37 0.55 35.38 -25.21
CA VAL B 37 0.31 35.04 -26.62
C VAL B 37 1.20 33.86 -27.03
N SER B 38 2.47 33.91 -26.62
CA SER B 38 3.41 32.83 -26.92
C SER B 38 3.02 31.50 -26.27
N TYR B 39 2.44 31.55 -25.07
CA TYR B 39 1.94 30.35 -24.43
C TYR B 39 0.80 29.74 -25.27
N THR B 40 -0.15 30.56 -25.69
CA THR B 40 -1.31 30.06 -26.45
C THR B 40 -0.89 29.38 -27.76
N LYS B 41 0.22 29.82 -28.33
CA LYS B 41 0.76 29.22 -29.54
C LYS B 41 1.44 27.88 -29.24
N SER B 42 2.27 27.83 -28.20
CA SER B 42 3.11 26.65 -27.91
C SER B 42 2.97 26.18 -26.45
N ALA B 43 1.73 25.96 -26.03
CA ALA B 43 1.44 25.48 -24.67
C ALA B 43 1.92 24.05 -24.43
N SER B 44 1.70 23.17 -25.41
CA SER B 44 2.03 21.74 -25.28
C SER B 44 3.51 21.48 -25.04
N GLU B 45 4.37 22.29 -25.65
CA GLU B 45 5.82 22.13 -25.48
C GLU B 45 6.33 22.85 -24.22
N ILE B 46 5.67 23.90 -23.79
CA ILE B 46 6.05 24.61 -22.57
C ILE B 46 5.68 23.77 -21.35
N ASN B 47 4.45 23.27 -21.33
CA ASN B 47 3.97 22.40 -20.26
C ASN B 47 4.72 21.07 -20.21
N GLY B 48 5.03 20.52 -21.38
CA GLY B 48 5.80 19.28 -21.49
C GLY B 48 7.15 19.39 -20.82
N LYS B 49 7.81 20.54 -20.99
CA LYS B 49 9.15 20.78 -20.47
C LYS B 49 9.16 21.05 -18.96
N LEU B 50 8.11 21.72 -18.47
CA LEU B 50 7.97 21.94 -17.03
C LEU B 50 7.71 20.63 -16.29
N ARG B 51 6.98 19.73 -16.94
CA ARG B 51 6.68 18.40 -16.40
C ARG B 51 7.93 17.53 -16.34
N GLN B 52 8.72 17.56 -17.41
CA GLN B 52 9.95 16.77 -17.52
C GLN B 52 10.97 17.15 -16.46
N ASN B 53 10.94 18.42 -16.03
CA ASN B 53 11.93 18.97 -15.11
C ASN B 53 11.37 19.32 -13.72
N LYS B 54 10.13 18.90 -13.44
CA LYS B 54 9.52 19.09 -12.12
C LYS B 54 9.53 20.54 -11.61
N GLY B 55 9.29 21.48 -12.52
CA GLY B 55 9.13 22.89 -12.17
C GLY B 55 10.41 23.69 -12.15
N VAL B 56 11.54 23.03 -12.39
CA VAL B 56 12.86 23.65 -12.30
C VAL B 56 13.22 24.22 -13.67
N ILE B 57 13.44 25.53 -13.71
CA ILE B 57 13.60 26.25 -14.98
C ILE B 57 15.03 26.69 -15.29
N ASN B 58 15.92 26.62 -14.29
CA ASN B 58 17.28 27.14 -14.41
C ASN B 58 18.04 26.67 -15.66
N GLY B 59 17.82 25.43 -16.06
CA GLY B 59 18.50 24.84 -17.22
C GLY B 59 17.75 24.91 -18.55
N PHE B 60 16.86 25.89 -18.71
CA PHE B 60 16.10 26.09 -19.94
C PHE B 60 16.86 27.11 -20.80
N PRO B 61 16.47 27.27 -22.07
CA PRO B 61 16.94 28.43 -22.86
C PRO B 61 16.70 29.76 -22.15
N SER B 62 17.37 30.82 -22.59
CA SER B 62 17.25 32.14 -21.98
C SER B 62 15.90 32.78 -22.28
N ASN B 63 15.43 32.56 -23.50
CA ASN B 63 14.16 33.11 -23.98
C ASN B 63 12.95 32.50 -23.26
N LEU B 64 13.02 31.20 -22.99
CA LEU B 64 11.96 30.49 -22.28
C LEU B 64 11.88 30.90 -20.81
N ILE B 65 13.02 31.10 -20.15
CA ILE B 65 13.05 31.48 -18.74
C ILE B 65 12.34 32.80 -18.52
N LYS B 66 12.51 33.75 -19.43
CA LYS B 66 11.88 35.06 -19.32
C LYS B 66 10.36 34.97 -19.46
N GLN B 67 9.90 34.15 -20.40
CA GLN B 67 8.45 33.95 -20.63
C GLN B 67 7.77 33.44 -19.37
N VAL B 68 8.30 32.36 -18.82
CA VAL B 68 7.76 31.71 -17.63
C VAL B 68 7.69 32.70 -16.48
N GLU B 69 8.78 33.45 -16.27
CA GLU B 69 8.85 34.45 -15.21
C GLU B 69 7.76 35.50 -15.37
N LEU B 70 7.52 35.91 -16.60
CA LEU B 70 6.49 36.89 -16.90
C LEU B 70 5.09 36.30 -16.70
N LEU B 71 4.90 35.03 -17.08
CA LEU B 71 3.63 34.35 -16.88
C LEU B 71 3.28 34.28 -15.40
N ASP B 72 4.24 33.85 -14.58
CA ASP B 72 4.09 33.77 -13.12
C ASP B 72 3.77 35.13 -12.53
N LYS B 73 4.45 36.16 -13.02
CA LYS B 73 4.31 37.52 -12.52
C LYS B 73 2.94 38.07 -12.86
N SER B 74 2.43 37.72 -14.02
CA SER B 74 1.16 38.25 -14.50
C SER B 74 0.00 37.80 -13.62
N PHE B 75 0.16 36.72 -12.88
CA PHE B 75 -0.91 36.23 -12.00
C PHE B 75 -1.09 37.07 -10.73
N ASN B 76 -0.09 37.88 -10.39
CA ASN B 76 -0.25 38.88 -9.33
C ASN B 76 -1.36 39.89 -9.61
N LYS B 77 -1.75 40.02 -10.88
CA LYS B 77 -2.81 40.93 -11.29
C LYS B 77 -4.12 40.24 -11.74
N MET B 78 -4.10 38.91 -11.84
CA MET B 78 -5.23 38.14 -12.37
C MET B 78 -5.78 37.19 -11.31
N LYS B 79 -6.75 37.70 -10.55
CA LYS B 79 -7.39 36.94 -9.50
C LYS B 79 -8.89 36.96 -9.73
N THR B 80 -9.56 35.90 -9.28
CA THR B 80 -11.00 35.83 -9.43
C THR B 80 -11.64 36.51 -8.21
N PRO B 81 -12.68 37.29 -8.43
CA PRO B 81 -13.37 37.99 -7.34
C PRO B 81 -14.47 37.17 -6.66
N GLU B 82 -14.65 35.92 -7.07
CA GLU B 82 -15.63 35.02 -6.46
C GLU B 82 -15.29 33.55 -6.65
N ASN B 83 -15.98 32.70 -5.89
CA ASN B 83 -15.94 31.27 -6.10
C ASN B 83 -16.48 31.01 -7.50
N ILE B 84 -15.71 30.29 -8.32
CA ILE B 84 -16.13 29.92 -9.68
C ILE B 84 -15.80 28.45 -10.01
N MET B 85 -16.60 27.90 -10.92
CA MET B 85 -16.41 26.57 -11.47
C MET B 85 -15.74 26.72 -12.82
N LEU B 86 -14.67 25.98 -13.05
CA LEU B 86 -13.98 25.94 -14.34
C LEU B 86 -13.93 24.51 -14.89
N PHE B 87 -13.79 24.37 -16.20
CA PHE B 87 -13.86 23.07 -16.86
C PHE B 87 -12.65 22.86 -17.77
N ARG B 88 -12.20 21.61 -17.93
CA ARG B 88 -11.27 21.28 -19.01
C ARG B 88 -11.44 19.84 -19.46
N GLY B 89 -10.98 19.56 -20.68
CA GLY B 89 -11.05 18.23 -21.26
C GLY B 89 -9.68 17.60 -21.43
N ASP B 90 -9.59 16.29 -21.20
CA ASP B 90 -8.33 15.58 -21.25
C ASP B 90 -8.44 14.23 -21.94
N ASP B 91 -7.33 13.79 -22.53
CA ASP B 91 -7.24 12.49 -23.18
C ASP B 91 -6.76 11.42 -22.16
N PRO B 92 -6.78 10.14 -22.53
CA PRO B 92 -6.50 9.10 -21.52
C PRO B 92 -5.12 9.19 -20.82
N ALA B 93 -4.08 9.65 -21.49
CA ALA B 93 -2.72 9.73 -20.90
C ALA B 93 -2.66 10.60 -19.66
N TYR B 94 -3.58 11.55 -19.54
CA TYR B 94 -3.72 12.38 -18.34
C TYR B 94 -3.78 11.52 -17.08
N LEU B 95 -4.40 10.34 -17.17
CA LEU B 95 -4.51 9.45 -16.00
C LEU B 95 -3.25 8.63 -15.74
N GLY B 96 -2.37 8.56 -16.73
CA GLY B 96 -1.11 7.82 -16.64
C GLY B 96 -0.85 6.98 -17.87
N THR B 97 0.39 6.53 -18.07
CA THR B 97 0.73 5.78 -19.28
C THR B 97 -0.07 4.49 -19.39
N GLU B 98 -0.40 3.90 -18.26
CA GLU B 98 -1.19 2.67 -18.18
C GLU B 98 -2.64 2.80 -18.66
N PHE B 99 -3.12 4.03 -18.85
CA PHE B 99 -4.49 4.27 -19.33
C PHE B 99 -4.52 4.65 -20.81
N GLN B 100 -3.39 5.13 -21.32
CA GLN B 100 -3.24 5.48 -22.73
C GLN B 100 -3.92 4.50 -23.68
N ASN B 101 -3.69 3.21 -23.46
CA ASN B 101 -4.12 2.18 -24.39
C ASN B 101 -5.14 1.23 -23.77
N THR B 102 -5.70 1.61 -22.62
CA THR B 102 -6.69 0.79 -21.91
C THR B 102 -8.02 1.46 -21.60
N LEU B 103 -8.04 2.80 -21.54
CA LEU B 103 -9.21 3.52 -21.03
C LEU B 103 -10.44 3.33 -21.90
N LEU B 104 -10.23 3.26 -23.22
CA LEU B 104 -11.34 3.27 -24.17
C LEU B 104 -11.55 1.90 -24.84
N ASN B 105 -12.82 1.52 -24.99
CA ASN B 105 -13.20 0.34 -25.76
C ASN B 105 -13.31 0.74 -27.22
N SER B 106 -13.37 -0.24 -28.12
CA SER B 106 -13.55 0.02 -29.55
C SER B 106 -14.85 0.77 -29.84
N ASN B 107 -15.84 0.51 -28.98
CA ASN B 107 -17.15 1.18 -28.95
C ASN B 107 -17.14 2.70 -28.88
N GLY B 108 -16.08 3.26 -28.34
CA GLY B 108 -16.04 4.65 -27.93
C GLY B 108 -16.42 4.83 -26.46
N THR B 109 -16.89 3.76 -25.79
CA THR B 109 -17.27 3.83 -24.38
C THR B 109 -16.06 3.62 -23.47
N ILE B 110 -16.15 4.16 -22.26
CA ILE B 110 -15.09 4.00 -21.26
C ILE B 110 -15.16 2.59 -20.72
N ASN B 111 -14.04 1.87 -20.79
CA ASN B 111 -13.94 0.54 -20.24
C ASN B 111 -14.10 0.56 -18.71
N LYS B 112 -14.96 -0.30 -18.20
CA LYS B 112 -15.39 -0.23 -16.81
C LYS B 112 -14.29 -0.60 -15.81
N THR B 113 -13.48 -1.61 -16.14
CA THR B 113 -12.39 -2.04 -15.27
C THR B 113 -11.33 -0.94 -15.18
N ALA B 114 -11.03 -0.32 -16.32
CA ALA B 114 -10.12 0.82 -16.39
C ALA B 114 -10.59 1.98 -15.53
N PHE B 115 -11.87 2.30 -15.62
CA PHE B 115 -12.49 3.35 -14.81
C PHE B 115 -12.34 3.08 -13.32
N GLU B 116 -12.53 1.82 -12.92
CA GLU B 116 -12.37 1.44 -11.52
C GLU B 116 -10.93 1.58 -11.04
N LYS B 117 -9.99 1.28 -11.92
CA LYS B 117 -8.57 1.42 -11.60
C LYS B 117 -8.23 2.92 -11.49
N ALA B 118 -8.79 3.71 -12.39
CA ALA B 118 -8.58 5.16 -12.35
C ALA B 118 -9.08 5.75 -11.03
N LYS B 119 -10.22 5.25 -10.54
CA LYS B 119 -10.81 5.75 -9.30
C LYS B 119 -9.92 5.41 -8.12
N ALA B 120 -9.46 4.16 -8.07
CA ALA B 120 -8.52 3.71 -7.06
C ALA B 120 -7.28 4.60 -7.01
N LYS B 121 -6.78 4.98 -8.18
CA LYS B 121 -5.55 5.74 -8.26
C LYS B 121 -5.71 7.21 -7.79
N PHE B 122 -6.86 7.82 -8.09
CA PHE B 122 -7.01 9.27 -7.97
C PHE B 122 -8.05 9.80 -6.98
N LEU B 123 -9.06 9.00 -6.63
CA LEU B 123 -10.21 9.50 -5.84
C LEU B 123 -9.81 9.90 -4.42
N ASN B 124 -10.24 11.08 -4.00
CA ASN B 124 -9.90 11.64 -2.69
C ASN B 124 -8.39 11.81 -2.46
N LYS B 125 -7.64 12.01 -3.56
CA LYS B 125 -6.20 12.26 -3.51
C LYS B 125 -5.85 13.65 -4.04
N ASP B 126 -4.67 14.13 -3.66
CA ASP B 126 -4.15 15.39 -4.18
C ASP B 126 -3.35 15.12 -5.45
N ARG B 127 -3.24 16.14 -6.28
CA ARG B 127 -2.49 16.05 -7.50
C ARG B 127 -1.79 17.38 -7.81
N LEU B 128 -0.51 17.28 -8.11
CA LEU B 128 0.34 18.43 -8.42
C LEU B 128 0.57 18.50 -9.93
N GLU B 129 0.39 19.68 -10.51
CA GLU B 129 0.59 19.89 -11.94
C GLU B 129 1.72 20.90 -12.13
N TYR B 130 2.76 20.47 -12.86
CA TYR B 130 3.93 21.30 -13.06
C TYR B 130 3.67 22.32 -14.17
N GLY B 131 2.88 21.94 -15.16
CA GLY B 131 2.47 22.88 -16.21
C GLY B 131 1.42 23.88 -15.77
N TYR B 132 1.18 24.88 -16.61
CA TYR B 132 0.03 25.78 -16.43
C TYR B 132 -1.22 24.97 -16.77
N ILE B 133 -2.38 25.38 -16.26
CA ILE B 133 -3.62 24.67 -16.57
C ILE B 133 -4.60 25.61 -17.28
N SER B 134 -4.90 25.29 -18.53
CA SER B 134 -5.94 25.98 -19.27
C SER B 134 -7.30 25.35 -18.96
N THR B 135 -8.28 26.21 -18.73
CA THR B 135 -9.65 25.77 -18.49
C THR B 135 -10.58 26.70 -19.25
N SER B 136 -11.89 26.49 -19.10
CA SER B 136 -12.89 27.34 -19.73
C SER B 136 -14.00 27.61 -18.72
N LEU B 137 -14.66 28.76 -18.86
CA LEU B 137 -15.78 29.11 -17.99
C LEU B 137 -17.00 28.21 -18.19
N MET B 138 -17.00 27.46 -19.30
CA MET B 138 -18.05 26.47 -19.51
C MET B 138 -17.50 25.16 -20.09
N ASN B 139 -18.31 24.11 -20.03
CA ASN B 139 -18.02 22.86 -20.74
C ASN B 139 -18.24 23.08 -22.23
N VAL B 140 -17.24 23.66 -22.90
CA VAL B 140 -17.37 24.12 -24.28
C VAL B 140 -17.32 22.97 -25.29
N SER B 141 -17.62 23.29 -26.55
CA SER B 141 -17.72 22.29 -27.62
C SER B 141 -16.40 21.60 -27.98
N ALA B 142 -15.26 22.29 -27.80
CA ALA B 142 -13.95 21.66 -28.04
C ALA B 142 -13.66 20.48 -27.09
N PHE B 143 -14.45 20.32 -26.03
CA PHE B 143 -14.28 19.21 -25.08
C PHE B 143 -15.22 18.02 -25.32
N ALA B 144 -16.04 18.09 -26.37
CA ALA B 144 -17.11 17.11 -26.56
C ALA B 144 -16.58 15.71 -26.89
N GLY B 145 -15.54 15.65 -27.71
CA GLY B 145 -14.92 14.40 -28.08
C GLY B 145 -13.81 13.93 -27.16
N ARG B 146 -13.65 14.58 -26.00
CA ARG B 146 -12.65 14.17 -25.03
C ARG B 146 -13.25 13.23 -23.99
N PRO B 147 -12.52 12.17 -23.64
CA PRO B 147 -13.01 11.14 -22.71
C PRO B 147 -13.01 11.55 -21.23
N ILE B 148 -12.28 12.61 -20.86
CA ILE B 148 -12.22 13.05 -19.46
C ILE B 148 -12.58 14.53 -19.35
N ILE B 149 -13.53 14.82 -18.49
CA ILE B 149 -13.99 16.18 -18.22
C ILE B 149 -13.75 16.45 -16.73
N THR B 150 -12.98 17.49 -16.43
CA THR B 150 -12.71 17.90 -15.04
C THR B 150 -13.38 19.24 -14.72
N LYS B 151 -14.12 19.30 -13.62
CA LYS B 151 -14.75 20.52 -13.12
C LYS B 151 -13.97 20.96 -11.87
N PHE B 152 -13.42 22.17 -11.87
CA PHE B 152 -12.56 22.66 -10.80
C PHE B 152 -13.29 23.71 -9.98
N LYS B 153 -13.32 23.55 -8.66
CA LYS B 153 -13.89 24.55 -7.77
C LYS B 153 -12.78 25.52 -7.31
N VAL B 154 -12.83 26.75 -7.79
CA VAL B 154 -11.75 27.72 -7.59
C VAL B 154 -12.22 28.80 -6.62
N ALA B 155 -11.48 29.01 -5.55
CA ALA B 155 -11.90 29.91 -4.47
C ALA B 155 -11.74 31.37 -4.86
N LYS B 156 -12.63 32.19 -4.35
CA LYS B 156 -12.51 33.65 -4.38
C LYS B 156 -11.11 34.07 -3.94
N GLY B 157 -10.42 34.81 -4.81
CA GLY B 157 -9.11 35.36 -4.49
C GLY B 157 -7.96 34.58 -5.11
N SER B 158 -8.29 33.41 -5.68
CA SER B 158 -7.28 32.54 -6.29
C SER B 158 -6.79 33.12 -7.60
N LYS B 159 -5.56 32.76 -7.94
CA LYS B 159 -4.97 33.19 -9.20
C LYS B 159 -5.67 32.50 -10.38
N ALA B 160 -6.29 33.32 -11.22
CA ALA B 160 -6.94 32.86 -12.45
C ALA B 160 -7.21 34.05 -13.39
N GLY B 161 -6.85 33.88 -14.67
CA GLY B 161 -6.92 34.94 -15.66
C GLY B 161 -7.69 34.61 -16.93
N TYR B 162 -8.53 35.55 -17.35
CA TYR B 162 -9.33 35.44 -18.57
C TYR B 162 -8.51 36.02 -19.71
N ILE B 163 -8.10 35.19 -20.66
CA ILE B 163 -7.09 35.60 -21.65
C ILE B 163 -7.56 35.69 -23.12
N ASP B 164 -8.87 35.55 -23.35
CA ASP B 164 -9.41 35.71 -24.70
C ASP B 164 -9.11 37.09 -25.32
N PRO B 165 -9.20 38.18 -24.55
CA PRO B 165 -8.82 39.50 -25.07
C PRO B 165 -7.35 39.64 -25.45
N ILE B 166 -6.49 38.76 -24.95
CA ILE B 166 -5.04 38.80 -25.24
C ILE B 166 -4.64 38.06 -26.52
N SER B 167 -5.33 36.97 -26.86
CA SER B 167 -4.89 36.08 -27.94
C SER B 167 -6.02 35.29 -28.60
N ALA B 168 -6.04 35.33 -29.93
CA ALA B 168 -7.04 34.59 -30.72
C ALA B 168 -6.78 33.08 -30.71
N PHE B 169 -5.58 32.66 -30.31
CA PHE B 169 -5.25 31.24 -30.14
C PHE B 169 -5.80 30.61 -28.84
N ALA B 170 -6.24 31.46 -27.91
CA ALA B 170 -6.92 31.01 -26.71
C ALA B 170 -8.19 30.23 -27.05
N GLY B 171 -8.46 29.18 -26.27
CA GLY B 171 -9.70 28.44 -26.37
C GLY B 171 -10.89 29.32 -26.06
N GLN B 172 -12.09 28.82 -26.35
CA GLN B 172 -13.33 29.49 -26.03
C GLN B 172 -13.46 29.70 -24.51
N LEU B 173 -13.64 30.96 -24.13
CA LEU B 173 -13.82 31.37 -22.74
C LEU B 173 -12.68 30.89 -21.83
N GLU B 174 -11.46 30.91 -22.33
CA GLU B 174 -10.32 30.38 -21.59
C GLU B 174 -10.00 31.15 -20.30
N MET B 175 -9.87 30.40 -19.20
CA MET B 175 -9.23 30.88 -17.97
C MET B 175 -7.93 30.10 -17.74
N LEU B 176 -6.81 30.80 -17.68
CA LEU B 176 -5.53 30.15 -17.41
C LEU B 176 -5.22 30.13 -15.92
N LEU B 177 -4.67 29.03 -15.44
CA LEU B 177 -4.32 28.89 -14.02
C LEU B 177 -2.80 28.76 -13.88
N PRO B 178 -2.25 29.18 -12.75
CA PRO B 178 -0.79 29.19 -12.56
C PRO B 178 -0.17 27.80 -12.57
N ARG B 179 1.12 27.73 -12.85
CA ARG B 179 1.84 26.46 -12.80
C ARG B 179 2.09 26.07 -11.35
N HIS B 180 2.49 24.82 -11.15
CA HIS B 180 2.68 24.25 -9.82
C HIS B 180 1.44 24.32 -8.93
N SER B 181 0.26 24.14 -9.52
CA SER B 181 -0.97 24.15 -8.75
C SER B 181 -1.28 22.73 -8.25
N THR B 182 -1.84 22.63 -7.05
CA THR B 182 -2.34 21.38 -6.50
C THR B 182 -3.85 21.44 -6.39
N TYR B 183 -4.49 20.31 -6.67
CA TYR B 183 -5.94 20.20 -6.53
C TYR B 183 -6.34 18.85 -5.94
N HIS B 184 -7.42 18.81 -5.19
CA HIS B 184 -7.89 17.59 -4.56
C HIS B 184 -9.06 17.00 -5.36
N ILE B 185 -8.95 15.74 -5.77
CA ILE B 185 -10.01 15.08 -6.53
C ILE B 185 -11.11 14.66 -5.58
N ASP B 186 -12.29 15.28 -5.69
CA ASP B 186 -13.42 15.02 -4.80
C ASP B 186 -14.32 13.86 -5.24
N ASP B 187 -14.59 13.77 -6.53
CA ASP B 187 -15.52 12.78 -7.04
C ASP B 187 -15.16 12.36 -8.47
N MET B 188 -15.48 11.12 -8.81
CA MET B 188 -15.25 10.57 -10.16
C MET B 188 -16.43 9.68 -10.55
N ARG B 189 -17.05 9.94 -11.70
CA ARG B 189 -18.23 9.19 -12.16
C ARG B 189 -18.31 9.09 -13.68
N LEU B 190 -19.04 8.09 -14.18
CA LEU B 190 -19.30 7.95 -15.63
C LEU B 190 -20.44 8.87 -16.11
N SER B 191 -20.33 9.31 -17.37
CA SER B 191 -21.31 10.25 -17.96
C SER B 191 -22.59 9.52 -18.36
N SER B 192 -23.52 10.26 -18.98
CA SER B 192 -24.82 9.70 -19.41
C SER B 192 -24.68 8.68 -20.52
N ASP B 193 -24.00 9.06 -21.59
CA ASP B 193 -23.74 8.15 -22.71
C ASP B 193 -22.58 7.18 -22.42
N GLY B 194 -21.97 7.26 -21.24
CA GLY B 194 -20.93 6.33 -20.82
C GLY B 194 -19.61 6.54 -21.53
N LYS B 195 -19.49 7.64 -22.28
CA LYS B 195 -18.32 7.92 -23.10
C LYS B 195 -17.32 8.88 -22.43
N GLN B 196 -17.62 9.29 -21.20
CA GLN B 196 -16.80 10.28 -20.50
C GLN B 196 -16.68 9.99 -19.01
N ILE B 197 -15.52 10.29 -18.44
CA ILE B 197 -15.35 10.33 -16.99
C ILE B 197 -15.51 11.80 -16.55
N ILE B 198 -16.40 12.05 -15.58
CA ILE B 198 -16.57 13.39 -15.00
C ILE B 198 -15.86 13.48 -13.63
N ILE B 199 -14.84 14.32 -13.55
CA ILE B 199 -14.06 14.50 -12.32
C ILE B 199 -14.46 15.83 -11.70
N THR B 200 -14.71 15.83 -10.40
CA THR B 200 -14.91 17.06 -9.63
C THR B 200 -13.71 17.23 -8.71
N ALA B 201 -13.04 18.37 -8.77
CA ALA B 201 -11.85 18.66 -7.95
C ALA B 201 -11.89 20.06 -7.33
N THR B 202 -11.29 20.21 -6.16
CA THR B 202 -11.17 21.51 -5.48
C THR B 202 -9.75 22.03 -5.65
N MET B 203 -9.60 23.15 -6.34
CA MET B 203 -8.28 23.75 -6.59
C MET B 203 -7.77 24.36 -5.31
N MET B 204 -6.49 24.15 -5.01
CA MET B 204 -5.94 24.66 -3.75
C MET B 204 -5.09 25.92 -3.98
N GLY B 205 -3.95 25.76 -4.64
CA GLY B 205 -2.97 26.85 -4.75
C GLY B 205 -1.61 26.39 -5.25
N THR B 206 -0.58 27.22 -5.12
CA THR B 206 0.76 26.92 -5.71
C THR B 206 1.82 26.31 -4.75
N ASN C 4 -11.52 -10.62 -6.56
CA ASN C 4 -12.24 -11.74 -7.25
C ASN C 4 -13.64 -11.90 -6.65
N THR C 5 -14.17 -13.13 -6.57
CA THR C 5 -15.53 -13.36 -6.05
C THR C 5 -15.51 -13.62 -4.53
N TYR C 6 -16.25 -12.80 -3.78
CA TYR C 6 -16.37 -12.96 -2.33
C TYR C 6 -17.76 -13.53 -2.02
N GLN C 7 -17.79 -14.65 -1.31
CA GLN C 7 -19.04 -15.34 -0.96
C GLN C 7 -19.89 -14.53 0.00
N GLU C 8 -21.17 -14.36 -0.34
CA GLU C 8 -22.10 -13.67 0.54
C GLU C 8 -23.22 -14.62 0.92
N PHE C 9 -23.31 -14.94 2.20
CA PHE C 9 -24.33 -15.84 2.71
C PHE C 9 -25.69 -15.16 2.68
N THR C 10 -26.70 -15.91 2.26
CA THR C 10 -28.05 -15.35 2.05
C THR C 10 -29.05 -15.85 3.07
N ASN C 11 -28.65 -16.79 3.92
CA ASN C 11 -29.56 -17.38 4.91
C ASN C 11 -28.86 -18.01 6.10
N ILE C 12 -29.54 -17.95 7.24
CA ILE C 12 -29.01 -18.36 8.53
C ILE C 12 -28.53 -19.80 8.52
N ASP C 13 -29.32 -20.70 7.95
CA ASP C 13 -29.04 -22.13 8.04
C ASP C 13 -27.73 -22.50 7.34
N GLN C 14 -27.52 -21.98 6.13
CA GLN C 14 -26.32 -22.29 5.36
C GLN C 14 -25.08 -21.60 5.97
N ALA C 15 -25.25 -20.40 6.51
CA ALA C 15 -24.14 -19.69 7.16
C ALA C 15 -23.66 -20.42 8.41
N LYS C 16 -24.64 -20.92 9.17
CA LYS C 16 -24.41 -21.62 10.42
C LYS C 16 -23.70 -22.96 10.18
N ALA C 17 -24.11 -23.68 9.15
CA ALA C 17 -23.47 -24.95 8.82
C ALA C 17 -22.04 -24.73 8.32
N TRP C 18 -21.83 -23.67 7.55
CA TRP C 18 -20.50 -23.30 7.09
C TRP C 18 -19.58 -22.99 8.27
N GLY C 19 -20.11 -22.18 9.18
CA GLY C 19 -19.40 -21.79 10.39
C GLY C 19 -19.02 -22.97 11.25
N ASN C 20 -19.96 -23.89 11.46
CA ASN C 20 -19.72 -25.06 12.28
C ASN C 20 -18.65 -25.95 11.68
N ALA C 21 -18.67 -26.06 10.36
CA ALA C 21 -17.66 -26.82 9.63
C ALA C 21 -16.27 -26.19 9.74
N GLN C 22 -16.15 -24.87 9.80
CA GLN C 22 -14.84 -24.24 10.04
C GLN C 22 -14.42 -24.45 11.49
N TYR C 23 -15.33 -24.22 12.43
CA TYR C 23 -15.01 -24.38 13.84
C TYR C 23 -14.42 -25.76 14.18
N LYS C 24 -14.90 -26.81 13.51
CA LYS C 24 -14.40 -28.17 13.76
C LYS C 24 -12.91 -28.33 13.49
N LYS C 25 -12.36 -27.46 12.64
CA LYS C 25 -10.95 -27.53 12.22
C LYS C 25 -10.00 -26.73 13.12
N TYR C 26 -10.52 -25.98 14.10
CA TYR C 26 -9.71 -24.98 14.80
C TYR C 26 -8.76 -25.62 15.80
N GLY C 27 -9.27 -26.55 16.60
CA GLY C 27 -8.49 -27.25 17.59
C GLY C 27 -7.93 -26.29 18.62
N LEU C 28 -8.75 -25.36 19.09
CA LEU C 28 -8.32 -24.36 20.08
C LEU C 28 -8.03 -25.01 21.42
N SER C 29 -7.14 -24.40 22.20
CA SER C 29 -6.85 -24.85 23.56
C SER C 29 -7.88 -24.28 24.53
N LYS C 30 -8.01 -24.88 25.71
CA LYS C 30 -8.93 -24.39 26.74
C LYS C 30 -8.70 -22.93 27.10
N SER C 31 -7.45 -22.53 27.28
CA SER C 31 -7.12 -21.14 27.61
C SER C 31 -7.52 -20.20 26.49
N GLU C 32 -7.36 -20.63 25.26
CA GLU C 32 -7.75 -19.83 24.08
C GLU C 32 -9.28 -19.64 24.07
N LYS C 33 -10.02 -20.72 24.32
CA LYS C 33 -11.47 -20.66 24.41
C LYS C 33 -11.88 -19.69 25.50
N GLU C 34 -11.24 -19.78 26.67
CA GLU C 34 -11.58 -18.96 27.81
C GLU C 34 -11.35 -17.50 27.50
N ALA C 35 -10.28 -17.21 26.74
CA ALA C 35 -9.97 -15.84 26.35
C ALA C 35 -11.03 -15.25 25.41
N ILE C 36 -11.53 -16.08 24.50
CA ILE C 36 -12.60 -15.69 23.59
C ILE C 36 -13.90 -15.45 24.38
N VAL C 37 -14.18 -16.28 25.36
CA VAL C 37 -15.37 -16.10 26.20
C VAL C 37 -15.28 -14.75 26.88
N SER C 38 -14.16 -14.50 27.55
CA SER C 38 -13.92 -13.22 28.20
C SER C 38 -14.09 -12.04 27.26
N TYR C 39 -13.59 -12.16 26.03
CA TYR C 39 -13.80 -11.09 25.07
C TYR C 39 -15.30 -10.87 24.79
N THR C 40 -16.08 -11.96 24.66
CA THR C 40 -17.50 -11.83 24.37
C THR C 40 -18.30 -11.19 25.51
N LYS C 41 -17.80 -11.25 26.73
CA LYS C 41 -18.48 -10.63 27.88
C LYS C 41 -18.16 -9.14 27.96
N SER C 42 -16.95 -8.76 27.56
CA SER C 42 -16.43 -7.40 27.79
C SER C 42 -15.82 -6.74 26.54
N ALA C 43 -16.41 -7.01 25.37
CA ALA C 43 -15.85 -6.55 24.08
C ALA C 43 -15.74 -5.02 23.94
N SER C 44 -16.80 -4.32 24.32
CA SER C 44 -16.81 -2.84 24.28
C SER C 44 -15.69 -2.23 25.11
N GLU C 45 -15.48 -2.77 26.30
CA GLU C 45 -14.51 -2.23 27.25
C GLU C 45 -13.09 -2.50 26.79
N ILE C 46 -12.85 -3.73 26.34
CA ILE C 46 -11.52 -4.13 25.87
C ILE C 46 -11.11 -3.36 24.63
N ASN C 47 -12.03 -3.26 23.67
CA ASN C 47 -11.78 -2.52 22.45
C ASN C 47 -11.61 -1.03 22.76
N GLY C 48 -12.37 -0.55 23.76
CA GLY C 48 -12.28 0.83 24.20
C GLY C 48 -10.90 1.14 24.77
N LYS C 49 -10.36 0.21 25.52
CA LYS C 49 -9.05 0.35 26.12
C LYS C 49 -7.94 0.24 25.09
N LEU C 50 -8.11 -0.64 24.10
CA LEU C 50 -7.15 -0.78 23.02
C LEU C 50 -7.06 0.49 22.18
N ARG C 51 -8.21 1.09 21.90
CA ARG C 51 -8.26 2.34 21.13
C ARG C 51 -7.64 3.49 21.91
N GLN C 52 -7.92 3.55 23.21
CA GLN C 52 -7.42 4.66 24.04
C GLN C 52 -5.90 4.62 24.18
N ASN C 53 -5.32 3.43 24.04
CA ASN C 53 -3.88 3.24 24.19
C ASN C 53 -3.16 2.89 22.89
N LYS C 54 -3.87 3.01 21.76
CA LYS C 54 -3.29 2.79 20.43
C LYS C 54 -2.62 1.42 20.26
N GLY C 55 -3.23 0.39 20.83
CA GLY C 55 -2.75 -0.98 20.69
C GLY C 55 -1.72 -1.41 21.71
N VAL C 56 -1.26 -0.50 22.56
CA VAL C 56 -0.20 -0.79 23.51
C VAL C 56 -0.80 -1.40 24.78
N ILE C 57 -0.33 -2.59 25.12
CA ILE C 57 -0.84 -3.36 26.27
C ILE C 57 -0.26 -2.90 27.63
N ASN C 58 0.73 -2.00 27.59
CA ASN C 58 1.57 -1.59 28.74
C ASN C 58 0.90 -0.95 29.96
N GLY C 59 0.14 -1.71 30.75
CA GLY C 59 -0.61 -1.07 31.83
C GLY C 59 -2.01 -1.58 32.02
N PHE C 60 -2.38 -2.56 31.22
CA PHE C 60 -3.56 -3.35 31.48
C PHE C 60 -3.18 -4.20 32.71
N PRO C 61 -4.17 -4.64 33.48
CA PRO C 61 -3.91 -5.57 34.57
C PRO C 61 -3.36 -6.88 34.01
N SER C 62 -2.65 -7.64 34.84
CA SER C 62 -2.02 -8.90 34.43
C SER C 62 -2.97 -9.84 33.70
N ASN C 63 -4.16 -10.05 34.27
CA ASN C 63 -5.11 -11.01 33.72
C ASN C 63 -5.55 -10.66 32.29
N LEU C 64 -5.70 -9.36 32.00
CA LEU C 64 -6.10 -8.92 30.67
C LEU C 64 -4.97 -9.01 29.64
N ILE C 65 -3.71 -8.78 30.06
CA ILE C 65 -2.58 -8.88 29.14
C ILE C 65 -2.52 -10.30 28.59
N LYS C 66 -2.64 -11.27 29.48
CA LYS C 66 -2.63 -12.68 29.12
C LYS C 66 -3.80 -13.04 28.21
N GLN C 67 -4.98 -12.47 28.45
CA GLN C 67 -6.16 -12.74 27.64
C GLN C 67 -5.96 -12.24 26.22
N VAL C 68 -5.42 -11.03 26.11
CA VAL C 68 -5.17 -10.39 24.84
C VAL C 68 -4.15 -11.20 24.03
N GLU C 69 -3.08 -11.65 24.68
CA GLU C 69 -2.05 -12.43 23.99
C GLU C 69 -2.58 -13.76 23.53
N LEU C 70 -3.39 -14.42 24.37
CA LEU C 70 -4.04 -15.67 23.97
C LEU C 70 -4.98 -15.48 22.78
N LEU C 71 -5.73 -14.38 22.80
CA LEU C 71 -6.66 -14.08 21.73
C LEU C 71 -5.91 -13.90 20.42
N ASP C 72 -4.84 -13.11 20.46
CA ASP C 72 -4.02 -12.82 19.28
C ASP C 72 -3.46 -14.09 18.64
N LYS C 73 -3.05 -15.02 19.48
CA LYS C 73 -2.42 -16.27 19.04
C LYS C 73 -3.45 -17.29 18.57
N SER C 74 -4.67 -17.17 19.04
CA SER C 74 -5.75 -18.08 18.66
C SER C 74 -6.06 -17.98 17.15
N PHE C 75 -5.81 -16.81 16.56
CA PHE C 75 -6.01 -16.57 15.12
C PHE C 75 -5.08 -17.34 14.19
N ASN C 76 -3.97 -17.87 14.71
CA ASN C 76 -3.12 -18.78 13.94
C ASN C 76 -3.88 -20.04 13.56
N LYS C 77 -4.90 -20.40 14.34
CA LYS C 77 -5.73 -21.58 14.07
C LYS C 77 -7.07 -21.28 13.38
N MET C 78 -7.40 -20.02 13.16
CA MET C 78 -8.72 -19.61 12.66
C MET C 78 -8.62 -18.72 11.41
N LYS C 79 -8.63 -19.36 10.25
CA LYS C 79 -8.49 -18.68 8.97
C LYS C 79 -9.71 -19.02 8.10
N THR C 80 -10.13 -18.11 7.23
CA THR C 80 -11.20 -18.43 6.30
C THR C 80 -10.70 -19.30 5.14
N PRO C 81 -11.47 -20.30 4.72
CA PRO C 81 -11.10 -21.13 3.56
C PRO C 81 -11.41 -20.51 2.19
N GLU C 82 -12.12 -19.38 2.17
CA GLU C 82 -12.47 -18.73 0.92
C GLU C 82 -12.64 -17.24 1.12
N ASN C 83 -12.55 -16.49 0.02
CA ASN C 83 -12.96 -15.09 -0.04
C ASN C 83 -14.38 -14.96 0.51
N ILE C 84 -14.60 -14.11 1.50
CA ILE C 84 -15.94 -13.95 2.11
C ILE C 84 -16.25 -12.50 2.41
N MET C 85 -17.55 -12.16 2.39
CA MET C 85 -18.07 -10.87 2.81
C MET C 85 -18.54 -10.95 4.26
N LEU C 86 -18.08 -10.00 5.07
CA LEU C 86 -18.51 -9.86 6.44
C LEU C 86 -19.12 -8.50 6.67
N PHE C 87 -20.02 -8.41 7.64
CA PHE C 87 -20.85 -7.24 7.87
C PHE C 87 -20.76 -6.74 9.30
N ARG C 88 -20.86 -5.44 9.50
CA ARG C 88 -21.13 -4.89 10.82
C ARG C 88 -21.79 -3.54 10.76
N GLY C 89 -22.45 -3.18 11.86
CA GLY C 89 -23.19 -1.94 11.97
C GLY C 89 -22.54 -1.06 13.01
N ASP C 90 -22.57 0.25 12.78
CA ASP C 90 -21.94 1.20 13.69
C ASP C 90 -22.81 2.44 13.89
N ASP C 91 -22.65 3.05 15.05
CA ASP C 91 -23.26 4.33 15.37
C ASP C 91 -22.33 5.48 14.93
N PRO C 92 -22.85 6.72 14.90
CA PRO C 92 -22.13 7.86 14.33
C PRO C 92 -20.72 8.11 14.85
N ALA C 93 -20.45 7.86 16.13
CA ALA C 93 -19.13 8.12 16.70
C ALA C 93 -18.01 7.28 16.07
N TYR C 94 -18.38 6.25 15.30
CA TYR C 94 -17.43 5.44 14.55
C TYR C 94 -16.63 6.29 13.53
N LEU C 95 -17.25 7.35 13.02
CA LEU C 95 -16.60 8.27 12.08
C LEU C 95 -15.77 9.37 12.77
N GLY C 96 -15.80 9.42 14.10
CA GLY C 96 -15.21 10.50 14.87
C GLY C 96 -16.25 11.17 15.77
N THR C 97 -15.80 11.73 16.88
CA THR C 97 -16.71 12.40 17.84
C THR C 97 -17.41 13.60 17.21
N GLU C 98 -16.77 14.24 16.24
CA GLU C 98 -17.36 15.36 15.50
C GLU C 98 -18.71 14.99 14.83
N PHE C 99 -18.86 13.72 14.43
CA PHE C 99 -20.07 13.23 13.76
C PHE C 99 -21.17 12.76 14.71
N GLN C 100 -20.86 12.64 15.99
CA GLN C 100 -21.76 12.06 16.99
C GLN C 100 -23.19 12.63 17.00
N ASN C 101 -23.30 13.95 17.06
CA ASN C 101 -24.61 14.62 17.08
C ASN C 101 -24.91 15.43 15.81
N THR C 102 -24.18 15.15 14.73
CA THR C 102 -24.35 15.89 13.47
C THR C 102 -24.69 15.01 12.27
N LEU C 103 -24.51 13.69 12.38
CA LEU C 103 -24.64 12.79 11.21
C LEU C 103 -26.05 12.66 10.67
N LEU C 104 -27.05 12.77 11.54
CA LEU C 104 -28.45 12.58 11.14
C LEU C 104 -29.30 13.84 11.30
N ASN C 105 -30.32 13.98 10.44
CA ASN C 105 -31.35 14.99 10.60
C ASN C 105 -32.45 14.46 11.54
N SER C 106 -33.44 15.31 11.82
CA SER C 106 -34.56 14.97 12.70
C SER C 106 -35.34 13.73 12.25
N ASN C 107 -35.73 13.71 10.99
CA ASN C 107 -36.51 12.60 10.40
C ASN C 107 -35.82 11.22 10.37
N GLY C 108 -34.51 11.19 10.64
CA GLY C 108 -33.75 9.95 10.69
C GLY C 108 -32.89 9.68 9.48
N THR C 109 -33.01 10.53 8.44
CA THR C 109 -32.17 10.42 7.25
C THR C 109 -30.76 10.97 7.53
N ILE C 110 -29.81 10.51 6.72
CA ILE C 110 -28.42 10.96 6.83
C ILE C 110 -28.32 12.38 6.28
N ASN C 111 -27.73 13.28 7.06
CA ASN C 111 -27.47 14.64 6.62
C ASN C 111 -26.53 14.63 5.43
N LYS C 112 -26.91 15.33 4.37
CA LYS C 112 -26.14 15.30 3.11
C LYS C 112 -24.79 16.00 3.24
N THR C 113 -24.71 17.00 4.11
CA THR C 113 -23.45 17.72 4.34
C THR C 113 -22.47 16.88 5.18
N ALA C 114 -22.99 16.22 6.21
CA ALA C 114 -22.15 15.36 7.06
C ALA C 114 -21.59 14.19 6.25
N PHE C 115 -22.44 13.59 5.42
CA PHE C 115 -22.04 12.50 4.53
C PHE C 115 -20.90 12.89 3.60
N GLU C 116 -20.91 14.14 3.15
CA GLU C 116 -19.85 14.65 2.29
C GLU C 116 -18.55 14.81 3.07
N LYS C 117 -18.64 15.25 4.32
CA LYS C 117 -17.47 15.36 5.18
C LYS C 117 -16.91 13.98 5.56
N ALA C 118 -17.77 12.97 5.58
CA ALA C 118 -17.35 11.61 5.96
C ALA C 118 -16.56 10.96 4.82
N LYS C 119 -17.02 11.21 3.59
CA LYS C 119 -16.30 10.78 2.39
C LYS C 119 -14.92 11.39 2.34
N ALA C 120 -14.82 12.70 2.60
CA ALA C 120 -13.54 13.40 2.52
C ALA C 120 -12.53 12.81 3.51
N LYS C 121 -13.02 12.48 4.70
CA LYS C 121 -12.17 11.93 5.74
C LYS C 121 -11.72 10.48 5.46
N PHE C 122 -12.60 9.65 4.88
CA PHE C 122 -12.38 8.20 4.84
C PHE C 122 -12.30 7.54 3.45
N LEU C 123 -12.97 8.12 2.46
CA LEU C 123 -13.07 7.48 1.14
C LEU C 123 -11.71 7.29 0.47
N ASN C 124 -11.48 6.08 -0.04
CA ASN C 124 -10.23 5.66 -0.68
C ASN C 124 -8.98 5.79 0.20
N LYS C 125 -9.15 5.61 1.50
CA LYS C 125 -8.05 5.65 2.47
C LYS C 125 -7.97 4.38 3.32
N ASP C 126 -6.76 4.03 3.77
CA ASP C 126 -6.57 3.00 4.79
C ASP C 126 -7.04 3.49 6.17
N ARG C 127 -7.59 2.58 6.96
CA ARG C 127 -7.93 2.85 8.34
C ARG C 127 -7.39 1.74 9.23
N LEU C 128 -6.78 2.13 10.36
CA LEU C 128 -6.27 1.19 11.33
C LEU C 128 -7.21 1.13 12.53
N GLU C 129 -7.57 -0.09 12.92
CA GLU C 129 -8.44 -0.32 14.06
C GLU C 129 -7.65 -1.01 15.15
N TYR C 130 -7.57 -0.38 16.33
CA TYR C 130 -6.75 -0.89 17.44
C TYR C 130 -7.44 -2.06 18.16
N GLY C 131 -8.77 -2.05 18.16
CA GLY C 131 -9.53 -3.13 18.76
C GLY C 131 -9.69 -4.32 17.83
N TYR C 132 -10.25 -5.38 18.38
CA TYR C 132 -10.72 -6.53 17.61
C TYR C 132 -11.94 -6.06 16.83
N ILE C 133 -12.23 -6.71 15.70
CA ILE C 133 -13.42 -6.35 14.91
C ILE C 133 -14.42 -7.49 14.95
N SER C 134 -15.57 -7.22 15.58
CA SER C 134 -16.71 -8.13 15.58
C SER C 134 -17.52 -7.90 14.31
N THR C 135 -17.72 -8.94 13.52
CA THR C 135 -18.56 -8.87 12.34
C THR C 135 -19.53 -10.01 12.38
N SER C 136 -20.40 -10.07 11.39
CA SER C 136 -21.29 -11.21 11.21
C SER C 136 -21.26 -11.66 9.75
N LEU C 137 -21.57 -12.93 9.53
CA LEU C 137 -21.67 -13.48 8.19
C LEU C 137 -22.86 -12.91 7.41
N MET C 138 -23.77 -12.24 8.11
CA MET C 138 -24.91 -11.55 7.50
C MET C 138 -25.16 -10.20 8.19
N ASN C 139 -26.02 -9.38 7.59
CA ASN C 139 -26.50 -8.15 8.24
C ASN C 139 -27.65 -8.47 9.20
N VAL C 140 -27.28 -8.97 10.38
CA VAL C 140 -28.23 -9.46 11.38
C VAL C 140 -28.93 -8.31 12.12
N SER C 141 -29.98 -8.65 12.87
CA SER C 141 -30.87 -7.67 13.52
C SER C 141 -30.16 -6.78 14.54
N ALA C 142 -29.10 -7.28 15.16
CA ALA C 142 -28.30 -6.46 16.08
C ALA C 142 -27.62 -5.28 15.38
N PHE C 143 -27.36 -5.42 14.09
CA PHE C 143 -26.71 -4.38 13.27
C PHE C 143 -27.66 -3.51 12.48
N ALA C 144 -28.72 -4.11 11.92
CA ALA C 144 -29.52 -3.48 10.86
C ALA C 144 -30.10 -2.11 11.21
N GLY C 145 -30.46 -1.91 12.49
CA GLY C 145 -30.97 -0.65 12.98
C GLY C 145 -29.97 0.51 13.13
N ARG C 146 -28.69 0.27 12.86
CA ARG C 146 -27.65 1.28 13.03
C ARG C 146 -27.46 2.12 11.75
N PRO C 147 -26.99 3.35 11.89
CA PRO C 147 -26.87 4.24 10.73
C PRO C 147 -25.72 3.91 9.75
N ILE C 148 -24.67 3.20 10.16
CA ILE C 148 -23.57 2.86 9.24
C ILE C 148 -23.43 1.35 9.12
N ILE C 149 -23.56 0.83 7.89
CA ILE C 149 -23.30 -0.58 7.60
C ILE C 149 -22.01 -0.69 6.77
N THR C 150 -21.14 -1.62 7.16
CA THR C 150 -19.87 -1.85 6.49
C THR C 150 -19.82 -3.27 5.97
N LYS C 151 -19.44 -3.41 4.71
CA LYS C 151 -19.30 -4.70 4.06
C LYS C 151 -17.81 -4.89 3.84
N PHE C 152 -17.22 -5.84 4.57
CA PHE C 152 -15.78 -6.15 4.44
C PHE C 152 -15.52 -7.32 3.49
N LYS C 153 -14.61 -7.10 2.54
CA LYS C 153 -14.12 -8.14 1.64
C LYS C 153 -12.90 -8.79 2.28
N VAL C 154 -13.05 -10.02 2.74
CA VAL C 154 -11.99 -10.74 3.44
C VAL C 154 -11.48 -11.90 2.57
N ALA C 155 -10.19 -11.86 2.24
CA ALA C 155 -9.59 -12.81 1.28
C ALA C 155 -9.36 -14.19 1.89
N LYS C 156 -9.51 -15.22 1.07
CA LYS C 156 -9.10 -16.59 1.43
C LYS C 156 -7.74 -16.59 2.16
N GLY C 157 -7.68 -17.35 3.26
CA GLY C 157 -6.46 -17.48 4.05
C GLY C 157 -6.29 -16.46 5.18
N SER C 158 -7.20 -15.50 5.27
CA SER C 158 -7.11 -14.45 6.26
C SER C 158 -7.58 -14.92 7.64
N LYS C 159 -7.05 -14.28 8.68
CA LYS C 159 -7.45 -14.54 10.05
C LYS C 159 -8.89 -14.07 10.31
N ALA C 160 -9.74 -14.99 10.77
CA ALA C 160 -11.17 -14.78 10.92
C ALA C 160 -11.73 -16.03 11.55
N GLY C 161 -12.40 -15.86 12.69
CA GLY C 161 -12.89 -16.96 13.47
C GLY C 161 -14.41 -16.91 13.71
N TYR C 162 -15.08 -18.03 13.48
CA TYR C 162 -16.50 -18.23 13.77
C TYR C 162 -16.63 -18.65 15.22
N ILE C 163 -17.15 -17.79 16.08
CA ILE C 163 -17.01 -18.02 17.52
C ILE C 163 -18.27 -18.40 18.31
N ASP C 164 -19.43 -18.51 17.64
CA ASP C 164 -20.65 -18.97 18.33
C ASP C 164 -20.48 -20.30 19.09
N PRO C 165 -19.82 -21.29 18.51
CA PRO C 165 -19.67 -22.57 19.22
C PRO C 165 -18.76 -22.48 20.47
N ILE C 166 -18.03 -21.39 20.61
CA ILE C 166 -17.08 -21.19 21.70
C ILE C 166 -17.76 -20.47 22.86
N SER C 167 -18.69 -19.56 22.55
CA SER C 167 -19.31 -18.74 23.59
C SER C 167 -20.78 -18.40 23.29
N ALA C 168 -21.69 -18.80 24.17
CA ALA C 168 -23.10 -18.40 24.07
C ALA C 168 -23.32 -16.89 24.14
N PHE C 169 -22.31 -16.12 24.57
CA PHE C 169 -22.44 -14.67 24.61
C PHE C 169 -22.10 -14.03 23.28
N ALA C 170 -21.59 -14.81 22.33
CA ALA C 170 -21.28 -14.28 21.00
C ALA C 170 -22.56 -13.80 20.30
N GLY C 171 -22.41 -12.76 19.49
CA GLY C 171 -23.45 -12.33 18.56
C GLY C 171 -23.81 -13.39 17.54
N GLN C 172 -24.91 -13.15 16.84
CA GLN C 172 -25.43 -14.08 15.84
C GLN C 172 -24.51 -14.15 14.63
N LEU C 173 -24.07 -15.36 14.30
CA LEU C 173 -23.13 -15.61 13.20
C LEU C 173 -21.84 -14.77 13.30
N GLU C 174 -21.35 -14.54 14.51
CA GLU C 174 -20.22 -13.64 14.71
C GLU C 174 -18.95 -14.23 14.10
N MET C 175 -18.25 -13.41 13.32
CA MET C 175 -16.90 -13.68 12.88
C MET C 175 -15.98 -12.62 13.51
N LEU C 176 -15.00 -13.06 14.28
CA LEU C 176 -14.07 -12.15 14.92
C LEU C 176 -12.80 -11.97 14.10
N LEU C 177 -12.39 -10.71 13.91
CA LEU C 177 -11.15 -10.41 13.21
C LEU C 177 -10.09 -9.93 14.22
N PRO C 178 -8.83 -10.16 13.92
CA PRO C 178 -7.75 -9.80 14.84
C PRO C 178 -7.65 -8.29 15.06
N ARG C 179 -7.06 -7.93 16.20
CA ARG C 179 -6.83 -6.55 16.55
C ARG C 179 -5.71 -5.96 15.70
N HIS C 180 -5.64 -4.64 15.67
CA HIS C 180 -4.60 -3.94 14.93
C HIS C 180 -4.59 -4.23 13.43
N SER C 181 -5.79 -4.34 12.84
CA SER C 181 -5.96 -4.62 11.41
C SER C 181 -6.18 -3.32 10.63
N THR C 182 -5.73 -3.34 9.37
CA THR C 182 -5.96 -2.23 8.45
C THR C 182 -6.91 -2.68 7.37
N TYR C 183 -7.82 -1.80 7.00
CA TYR C 183 -8.66 -2.05 5.85
C TYR C 183 -8.75 -0.78 5.00
N HIS C 184 -8.97 -0.95 3.71
CA HIS C 184 -9.04 0.16 2.77
C HIS C 184 -10.52 0.35 2.46
N ILE C 185 -11.01 1.59 2.56
CA ILE C 185 -12.40 1.89 2.26
C ILE C 185 -12.50 2.18 0.78
N ASP C 186 -13.16 1.30 0.05
CA ASP C 186 -13.26 1.38 -1.40
C ASP C 186 -14.43 2.25 -1.88
N ASP C 187 -15.52 2.29 -1.12
CA ASP C 187 -16.73 3.01 -1.55
C ASP C 187 -17.60 3.41 -0.35
N MET C 188 -18.25 4.57 -0.47
CA MET C 188 -19.22 5.04 0.53
C MET C 188 -20.42 5.67 -0.18
N ARG C 189 -21.61 5.11 0.02
CA ARG C 189 -22.84 5.60 -0.62
C ARG C 189 -24.05 5.45 0.29
N LEU C 190 -25.05 6.30 0.10
CA LEU C 190 -26.27 6.26 0.89
C LEU C 190 -27.15 5.09 0.48
N SER C 191 -28.01 4.66 1.41
CA SER C 191 -28.98 3.59 1.14
C SER C 191 -30.14 4.11 0.29
N SER C 192 -30.96 3.19 -0.23
CA SER C 192 -32.14 3.54 -1.04
C SER C 192 -33.00 4.62 -0.38
N ASP C 193 -33.28 4.44 0.91
CA ASP C 193 -34.13 5.36 1.67
C ASP C 193 -33.37 6.52 2.35
N GLY C 194 -32.05 6.58 2.16
CA GLY C 194 -31.25 7.67 2.67
C GLY C 194 -31.04 7.70 4.18
N LYS C 195 -31.39 6.62 4.88
CA LYS C 195 -31.23 6.52 6.34
C LYS C 195 -29.95 5.79 6.80
N GLN C 196 -29.11 5.36 5.85
CA GLN C 196 -27.90 4.63 6.18
C GLN C 196 -26.75 4.95 5.22
N ILE C 197 -25.52 4.93 5.75
CA ILE C 197 -24.33 4.91 4.92
C ILE C 197 -23.87 3.45 4.78
N ILE C 198 -23.74 2.99 3.54
CA ILE C 198 -23.17 1.70 3.18
C ILE C 198 -21.69 1.91 2.81
N ILE C 199 -20.80 1.19 3.48
CA ILE C 199 -19.36 1.31 3.26
C ILE C 199 -18.84 -0.04 2.78
N THR C 200 -18.07 -0.05 1.70
CA THR C 200 -17.44 -1.25 1.21
C THR C 200 -15.96 -1.08 1.41
N ALA C 201 -15.34 -2.06 2.07
CA ALA C 201 -13.92 -2.05 2.41
C ALA C 201 -13.23 -3.38 2.12
N THR C 202 -11.93 -3.33 1.85
CA THR C 202 -11.09 -4.50 1.61
C THR C 202 -10.18 -4.68 2.82
N MET C 203 -10.33 -5.81 3.50
CA MET C 203 -9.55 -6.13 4.67
C MET C 203 -8.15 -6.54 4.25
N MET C 204 -7.17 -5.96 4.95
CA MET C 204 -5.79 -6.38 4.84
C MET C 204 -5.37 -6.97 6.20
N GLY C 205 -4.09 -7.24 6.37
CA GLY C 205 -3.66 -7.96 7.55
C GLY C 205 -3.86 -7.28 8.89
N THR C 206 -3.56 -8.03 9.93
CA THR C 206 -3.19 -7.47 11.21
C THR C 206 -1.67 -7.36 11.23
N ALA C 207 -1.17 -6.40 12.01
CA ALA C 207 0.28 -6.24 12.20
C ALA C 207 0.80 -7.11 13.37
N ILE C 208 -0.06 -7.89 14.00
CA ILE C 208 0.31 -8.66 15.18
C ILE C 208 0.33 -10.15 14.83
N ASN C 209 1.53 -10.70 14.67
CA ASN C 209 1.70 -12.05 14.11
C ASN C 209 2.55 -12.97 15.01
N PRO C 210 1.96 -13.52 16.06
CA PRO C 210 2.71 -14.39 16.99
C PRO C 210 3.02 -15.75 16.36
N LYS C 211 4.11 -16.38 16.79
CA LYS C 211 4.50 -17.68 16.31
C LYS C 211 3.47 -18.75 16.71
N ASN D 4 25.89 -14.81 -7.05
CA ASN D 4 25.54 -13.63 -6.25
C ASN D 4 24.20 -13.86 -5.57
N THR D 5 23.67 -12.81 -4.98
CA THR D 5 22.38 -12.89 -4.29
C THR D 5 21.28 -12.38 -5.20
N TYR D 6 20.10 -12.82 -4.94
CA TYR D 6 18.96 -12.42 -5.73
C TYR D 6 18.13 -11.45 -4.90
N GLN D 7 18.10 -10.22 -5.36
CA GLN D 7 17.37 -9.13 -4.67
C GLN D 7 15.89 -9.50 -4.53
N GLU D 8 15.41 -9.39 -3.28
CA GLU D 8 14.02 -9.62 -2.94
C GLU D 8 13.45 -8.33 -2.35
N PHE D 9 12.46 -7.76 -3.02
CA PHE D 9 11.80 -6.54 -2.56
C PHE D 9 10.85 -6.85 -1.43
N THR D 10 10.89 -6.01 -0.39
CA THR D 10 10.13 -6.23 0.84
C THR D 10 9.16 -5.09 1.15
N ASN D 11 9.08 -4.09 0.29
CA ASN D 11 7.98 -3.12 0.39
C ASN D 11 7.55 -2.58 -0.97
N ILE D 12 6.26 -2.32 -1.06
CA ILE D 12 5.60 -2.05 -2.33
C ILE D 12 6.16 -0.81 -3.02
N ASP D 13 6.54 0.20 -2.25
CA ASP D 13 7.01 1.47 -2.81
C ASP D 13 8.44 1.35 -3.35
N GLN D 14 9.28 0.59 -2.66
CA GLN D 14 10.62 0.23 -3.14
C GLN D 14 10.52 -0.52 -4.47
N ALA D 15 9.59 -1.48 -4.55
CA ALA D 15 9.39 -2.28 -5.75
C ALA D 15 8.84 -1.44 -6.89
N LYS D 16 7.91 -0.56 -6.57
CA LYS D 16 7.29 0.33 -7.54
C LYS D 16 8.34 1.25 -8.17
N ALA D 17 9.27 1.72 -7.33
CA ALA D 17 10.28 2.67 -7.76
C ALA D 17 11.29 2.01 -8.68
N TRP D 18 11.75 0.83 -8.29
CA TRP D 18 12.68 0.04 -9.10
C TRP D 18 12.07 -0.30 -10.45
N GLY D 19 10.78 -0.62 -10.45
CA GLY D 19 10.08 -1.01 -11.66
C GLY D 19 9.86 0.14 -12.63
N ASN D 20 9.46 1.29 -12.12
CA ASN D 20 9.29 2.49 -12.94
C ASN D 20 10.63 2.90 -13.58
N ALA D 21 11.71 2.80 -12.82
CA ALA D 21 13.04 3.05 -13.36
C ALA D 21 13.38 2.12 -14.55
N GLN D 22 12.98 0.85 -14.48
CA GLN D 22 13.23 -0.09 -15.57
C GLN D 22 12.39 0.31 -16.78
N TYR D 23 11.11 0.61 -16.55
CA TYR D 23 10.18 0.87 -17.65
C TYR D 23 10.60 2.07 -18.51
N LYS D 24 11.19 3.10 -17.89
CA LYS D 24 11.61 4.29 -18.63
C LYS D 24 12.82 4.02 -19.54
N LYS D 25 13.41 2.83 -19.43
CA LYS D 25 14.50 2.40 -20.31
C LYS D 25 14.03 1.56 -21.52
N TYR D 26 12.79 1.08 -21.50
CA TYR D 26 12.32 0.12 -22.50
C TYR D 26 12.19 0.70 -23.89
N GLY D 27 11.39 1.76 -24.03
CA GLY D 27 11.16 2.40 -25.32
C GLY D 27 10.43 1.46 -26.27
N LEU D 28 9.33 0.88 -25.79
CA LEU D 28 8.49 0.00 -26.60
C LEU D 28 7.71 0.83 -27.59
N SER D 29 7.37 0.21 -28.72
CA SER D 29 6.51 0.83 -29.71
C SER D 29 5.06 0.71 -29.31
N LYS D 30 4.23 1.56 -29.89
CA LYS D 30 2.79 1.50 -29.72
C LYS D 30 2.25 0.09 -29.96
N SER D 31 2.78 -0.57 -30.98
CA SER D 31 2.38 -1.92 -31.37
C SER D 31 2.69 -2.97 -30.28
N GLU D 32 3.91 -2.92 -29.73
CA GLU D 32 4.32 -3.78 -28.63
C GLU D 32 3.50 -3.53 -27.35
N LYS D 33 3.24 -2.26 -27.05
CA LYS D 33 2.44 -1.94 -25.88
C LYS D 33 1.01 -2.48 -26.01
N GLU D 34 0.46 -2.38 -27.21
CA GLU D 34 -0.90 -2.85 -27.46
C GLU D 34 -0.99 -4.36 -27.30
N ALA D 35 0.10 -5.05 -27.67
CA ALA D 35 0.16 -6.49 -27.55
C ALA D 35 0.26 -6.89 -26.09
N ILE D 36 1.00 -6.12 -25.31
CA ILE D 36 1.09 -6.38 -23.88
C ILE D 36 -0.28 -6.12 -23.22
N VAL D 37 -0.98 -5.08 -23.66
CA VAL D 37 -2.30 -4.78 -23.10
C VAL D 37 -3.23 -5.95 -23.37
N SER D 38 -3.17 -6.48 -24.58
CA SER D 38 -4.04 -7.57 -24.99
C SER D 38 -3.77 -8.84 -24.17
N TYR D 39 -2.50 -9.06 -23.81
CA TYR D 39 -2.12 -10.20 -22.98
C TYR D 39 -2.75 -10.08 -21.61
N THR D 40 -2.76 -8.87 -21.05
CA THR D 40 -3.30 -8.65 -19.70
C THR D 40 -4.82 -8.84 -19.65
N LYS D 41 -5.48 -8.81 -20.81
CA LYS D 41 -6.92 -9.08 -20.95
C LYS D 41 -7.21 -10.57 -21.17
N SER D 42 -6.30 -11.25 -21.87
CA SER D 42 -6.54 -12.61 -22.37
C SER D 42 -5.42 -13.62 -22.11
N ALA D 43 -4.67 -13.45 -21.03
CA ALA D 43 -3.50 -14.32 -20.78
C ALA D 43 -3.89 -15.80 -20.77
N SER D 44 -5.01 -16.11 -20.12
CA SER D 44 -5.51 -17.48 -20.02
C SER D 44 -5.73 -18.17 -21.37
N GLU D 45 -6.35 -17.46 -22.30
CA GLU D 45 -6.63 -18.00 -23.63
C GLU D 45 -5.37 -18.18 -24.46
N ILE D 46 -4.43 -17.24 -24.34
CA ILE D 46 -3.21 -17.27 -25.15
C ILE D 46 -2.29 -18.38 -24.65
N ASN D 47 -2.10 -18.42 -23.33
CA ASN D 47 -1.28 -19.45 -22.70
C ASN D 47 -1.89 -20.84 -22.87
N GLY D 48 -3.21 -20.93 -22.79
CA GLY D 48 -3.92 -22.18 -22.97
C GLY D 48 -3.63 -22.75 -24.35
N LYS D 49 -3.67 -21.88 -25.36
CA LYS D 49 -3.44 -22.26 -26.77
C LYS D 49 -1.99 -22.61 -27.06
N LEU D 50 -1.07 -21.96 -26.36
CA LEU D 50 0.35 -22.27 -26.48
C LEU D 50 0.67 -23.64 -25.89
N ARG D 51 0.08 -23.97 -24.74
CA ARG D 51 0.26 -25.28 -24.10
C ARG D 51 -0.28 -26.39 -25.01
N GLN D 52 -1.53 -26.21 -25.41
CA GLN D 52 -2.24 -27.10 -26.34
C GLN D 52 -1.44 -27.43 -27.59
N ASN D 53 -0.75 -26.43 -28.15
CA ASN D 53 -0.04 -26.58 -29.41
C ASN D 53 1.49 -26.69 -29.27
N LYS D 54 1.97 -26.87 -28.04
CA LYS D 54 3.39 -27.07 -27.75
C LYS D 54 4.30 -25.94 -28.31
N GLY D 55 3.78 -24.72 -28.31
CA GLY D 55 4.57 -23.56 -28.71
C GLY D 55 4.62 -23.29 -30.20
N VAL D 56 3.96 -24.13 -31.00
CA VAL D 56 3.86 -23.94 -32.44
C VAL D 56 2.70 -23.00 -32.71
N ILE D 57 2.99 -21.85 -33.33
CA ILE D 57 2.01 -20.79 -33.55
C ILE D 57 1.53 -20.70 -35.01
N ASN D 58 1.98 -21.61 -35.86
CA ASN D 58 1.65 -21.57 -37.30
C ASN D 58 0.15 -21.70 -37.60
N GLY D 59 -0.57 -22.44 -36.76
CA GLY D 59 -2.00 -22.69 -36.95
C GLY D 59 -2.94 -21.72 -36.25
N PHE D 60 -2.39 -20.63 -35.72
CA PHE D 60 -3.16 -19.62 -34.99
C PHE D 60 -3.82 -18.64 -35.98
N PRO D 61 -4.93 -18.03 -35.55
CA PRO D 61 -5.49 -16.87 -36.27
C PRO D 61 -4.49 -15.73 -36.52
N SER D 62 -4.73 -14.92 -37.54
CA SER D 62 -3.79 -13.87 -37.94
C SER D 62 -3.54 -12.81 -36.87
N ASN D 63 -4.55 -12.50 -36.06
CA ASN D 63 -4.36 -11.52 -34.97
C ASN D 63 -3.39 -12.05 -33.93
N LEU D 64 -3.55 -13.33 -33.58
CA LEU D 64 -2.77 -13.96 -32.52
C LEU D 64 -1.31 -14.13 -32.90
N ILE D 65 -1.04 -14.56 -34.13
CA ILE D 65 0.33 -14.74 -34.60
C ILE D 65 1.07 -13.41 -34.48
N LYS D 66 0.46 -12.33 -34.96
CA LYS D 66 1.07 -11.01 -34.89
C LYS D 66 1.23 -10.53 -33.43
N GLN D 67 0.28 -10.87 -32.57
CA GLN D 67 0.36 -10.49 -31.16
C GLN D 67 1.51 -11.22 -30.45
N VAL D 68 1.60 -12.52 -30.68
CA VAL D 68 2.66 -13.34 -30.10
C VAL D 68 4.04 -12.90 -30.58
N GLU D 69 4.19 -12.66 -31.87
CA GLU D 69 5.49 -12.22 -32.40
C GLU D 69 5.90 -10.88 -31.80
N LEU D 70 4.93 -10.00 -31.52
CA LEU D 70 5.21 -8.69 -30.92
C LEU D 70 5.61 -8.79 -29.43
N LEU D 71 4.96 -9.68 -28.69
CA LEU D 71 5.32 -9.92 -27.29
C LEU D 71 6.73 -10.48 -27.17
N ASP D 72 7.03 -11.48 -28.00
CA ASP D 72 8.34 -12.08 -28.09
C ASP D 72 9.40 -11.03 -28.40
N LYS D 73 9.11 -10.19 -29.39
CA LYS D 73 10.05 -9.15 -29.79
C LYS D 73 10.27 -8.10 -28.71
N SER D 74 9.23 -7.81 -27.93
CA SER D 74 9.32 -6.73 -26.95
C SER D 74 10.31 -7.06 -25.83
N PHE D 75 10.59 -8.35 -25.64
CA PHE D 75 11.50 -8.82 -24.60
C PHE D 75 12.95 -8.46 -24.89
N ASN D 76 13.27 -8.26 -26.16
CA ASN D 76 14.56 -7.72 -26.52
C ASN D 76 14.80 -6.35 -25.87
N LYS D 77 13.72 -5.64 -25.53
CA LYS D 77 13.85 -4.35 -24.85
C LYS D 77 13.68 -4.40 -23.32
N MET D 78 13.26 -5.53 -22.77
CA MET D 78 12.97 -5.64 -21.33
C MET D 78 13.84 -6.69 -20.68
N LYS D 79 14.94 -6.24 -20.07
CA LYS D 79 15.86 -7.11 -19.35
C LYS D 79 16.06 -6.59 -17.93
N THR D 80 16.33 -7.49 -16.99
CA THR D 80 16.60 -7.06 -15.62
C THR D 80 18.06 -6.61 -15.48
N PRO D 81 18.30 -5.50 -14.78
CA PRO D 81 19.67 -5.01 -14.57
C PRO D 81 20.43 -5.70 -13.45
N GLU D 82 19.78 -6.64 -12.74
CA GLU D 82 20.40 -7.37 -11.65
C GLU D 82 19.69 -8.70 -11.39
N ASN D 83 20.31 -9.55 -10.57
CA ASN D 83 19.71 -10.77 -10.05
C ASN D 83 18.50 -10.39 -9.19
N ILE D 84 17.33 -10.94 -9.49
CA ILE D 84 16.10 -10.65 -8.74
C ILE D 84 15.28 -11.90 -8.44
N MET D 85 14.43 -11.81 -7.42
CA MET D 85 13.50 -12.87 -7.06
C MET D 85 12.10 -12.46 -7.49
N LEU D 86 11.42 -13.33 -8.23
CA LEU D 86 10.03 -13.10 -8.59
C LEU D 86 9.13 -14.16 -7.94
N PHE D 87 7.86 -13.84 -7.81
CA PHE D 87 6.91 -14.70 -7.09
C PHE D 87 5.71 -15.07 -7.95
N ARG D 88 5.19 -16.26 -7.73
CA ARG D 88 3.95 -16.74 -8.33
C ARG D 88 3.19 -17.53 -7.29
N GLY D 89 1.87 -17.40 -7.27
CA GLY D 89 1.01 -18.24 -6.48
C GLY D 89 0.23 -19.15 -7.41
N ASP D 90 0.01 -20.40 -7.02
CA ASP D 90 -0.71 -21.36 -7.88
C ASP D 90 -1.64 -22.26 -7.09
N ASP D 91 -2.65 -22.80 -7.79
CA ASP D 91 -3.57 -23.76 -7.23
C ASP D 91 -3.07 -25.19 -7.56
N PRO D 92 -3.65 -26.21 -6.91
CA PRO D 92 -3.12 -27.58 -7.03
C PRO D 92 -2.94 -28.12 -8.44
N ALA D 93 -3.81 -27.72 -9.37
CA ALA D 93 -3.74 -28.19 -10.75
C ALA D 93 -2.40 -27.87 -11.42
N TYR D 94 -1.71 -26.85 -10.94
CA TYR D 94 -0.37 -26.52 -11.41
C TYR D 94 0.58 -27.74 -11.35
N LEU D 95 0.39 -28.63 -10.38
CA LEU D 95 1.26 -29.78 -10.21
C LEU D 95 0.84 -30.99 -11.05
N GLY D 96 -0.38 -30.95 -11.59
CA GLY D 96 -0.94 -32.00 -12.42
C GLY D 96 -2.36 -32.34 -12.00
N THR D 97 -3.12 -33.00 -12.89
CA THR D 97 -4.52 -33.35 -12.61
C THR D 97 -4.64 -34.26 -11.39
N GLU D 98 -3.60 -35.07 -11.17
CA GLU D 98 -3.59 -36.01 -10.06
C GLU D 98 -3.48 -35.33 -8.67
N PHE D 99 -3.09 -34.05 -8.64
CA PHE D 99 -3.04 -33.25 -7.40
C PHE D 99 -4.25 -32.35 -7.18
N GLN D 100 -5.08 -32.18 -8.21
CA GLN D 100 -6.21 -31.25 -8.16
C GLN D 100 -7.07 -31.47 -6.94
N ASN D 101 -7.38 -32.74 -6.65
CA ASN D 101 -8.30 -33.10 -5.59
C ASN D 101 -7.63 -33.86 -4.45
N THR D 102 -6.30 -33.84 -4.38
CA THR D 102 -5.55 -34.58 -3.36
C THR D 102 -4.52 -33.80 -2.52
N LEU D 103 -4.15 -32.62 -2.96
CA LEU D 103 -3.03 -31.91 -2.35
C LEU D 103 -3.35 -31.46 -0.94
N LEU D 104 -4.63 -31.14 -0.69
CA LEU D 104 -5.04 -30.54 0.57
C LEU D 104 -5.87 -31.51 1.45
N ASN D 105 -5.54 -31.52 2.73
CA ASN D 105 -6.41 -32.09 3.76
C ASN D 105 -7.67 -31.20 3.92
N SER D 106 -8.68 -31.73 4.61
CA SER D 106 -9.92 -30.97 4.87
C SER D 106 -9.70 -29.66 5.67
N ASN D 107 -8.72 -29.65 6.57
CA ASN D 107 -8.40 -28.44 7.36
C ASN D 107 -7.49 -27.40 6.68
N GLY D 108 -7.19 -27.60 5.39
CA GLY D 108 -6.39 -26.65 4.64
C GLY D 108 -4.89 -26.88 4.65
N THR D 109 -4.39 -27.75 5.53
CA THR D 109 -2.97 -28.10 5.50
C THR D 109 -2.67 -28.98 4.29
N ILE D 110 -1.42 -28.92 3.83
CA ILE D 110 -0.96 -29.74 2.71
C ILE D 110 -0.88 -31.18 3.17
N ASN D 111 -1.52 -32.08 2.44
CA ASN D 111 -1.40 -33.48 2.74
C ASN D 111 0.04 -33.99 2.52
N LYS D 112 0.54 -34.71 3.51
CA LYS D 112 1.96 -35.07 3.58
C LYS D 112 2.38 -36.08 2.51
N THR D 113 1.49 -37.03 2.26
CA THR D 113 1.70 -38.03 1.22
C THR D 113 1.69 -37.39 -0.18
N ALA D 114 0.74 -36.48 -0.41
CA ALA D 114 0.67 -35.77 -1.68
C ALA D 114 1.92 -34.89 -1.87
N PHE D 115 2.42 -34.31 -0.80
CA PHE D 115 3.61 -33.48 -0.86
C PHE D 115 4.84 -34.30 -1.29
N GLU D 116 4.92 -35.54 -0.81
CA GLU D 116 6.02 -36.43 -1.16
C GLU D 116 5.94 -36.84 -2.62
N LYS D 117 4.73 -37.06 -3.12
CA LYS D 117 4.50 -37.40 -4.51
C LYS D 117 4.90 -36.22 -5.40
N ALA D 118 4.56 -35.01 -4.97
CA ALA D 118 4.88 -33.81 -5.73
C ALA D 118 6.39 -33.60 -5.79
N LYS D 119 7.08 -33.91 -4.68
CA LYS D 119 8.53 -33.85 -4.64
C LYS D 119 9.14 -34.87 -5.58
N ALA D 120 8.61 -36.10 -5.58
CA ALA D 120 9.11 -37.14 -6.47
C ALA D 120 9.02 -36.67 -7.92
N LYS D 121 7.91 -36.01 -8.25
CA LYS D 121 7.60 -35.60 -9.61
C LYS D 121 8.45 -34.43 -10.10
N PHE D 122 8.74 -33.45 -9.23
CA PHE D 122 9.34 -32.18 -9.64
C PHE D 122 10.73 -31.83 -9.07
N LEU D 123 11.08 -32.37 -7.91
CA LEU D 123 12.32 -31.95 -7.22
C LEU D 123 13.57 -32.22 -8.05
N ASN D 124 14.40 -31.19 -8.18
CA ASN D 124 15.67 -31.24 -8.93
C ASN D 124 15.47 -31.62 -10.39
N LYS D 125 14.34 -31.19 -10.95
CA LYS D 125 14.01 -31.44 -12.35
C LYS D 125 13.77 -30.14 -13.10
N ASP D 126 13.97 -30.19 -14.42
CA ASP D 126 13.63 -29.07 -15.27
C ASP D 126 12.15 -29.12 -15.59
N ARG D 127 11.58 -27.94 -15.81
CA ARG D 127 10.22 -27.81 -16.28
C ARG D 127 10.14 -26.79 -17.38
N LEU D 128 9.50 -27.15 -18.50
CA LEU D 128 9.28 -26.25 -19.62
C LEU D 128 7.84 -25.68 -19.57
N GLU D 129 7.70 -24.38 -19.73
CA GLU D 129 6.38 -23.77 -19.75
C GLU D 129 6.14 -23.18 -21.14
N TYR D 130 5.11 -23.64 -21.82
CA TYR D 130 4.84 -23.17 -23.17
C TYR D 130 4.27 -21.75 -23.20
N GLY D 131 3.45 -21.42 -22.21
CA GLY D 131 2.90 -20.08 -22.12
C GLY D 131 3.91 -19.07 -21.60
N TYR D 132 3.50 -17.80 -21.58
CA TYR D 132 4.23 -16.75 -20.90
C TYR D 132 4.03 -16.98 -19.40
N ILE D 133 4.90 -16.43 -18.57
CA ILE D 133 4.78 -16.57 -17.12
C ILE D 133 4.57 -15.21 -16.46
N SER D 134 3.40 -15.04 -15.87
CA SER D 134 3.12 -13.89 -15.04
C SER D 134 3.68 -14.13 -13.64
N THR D 135 4.40 -13.15 -13.11
CA THR D 135 4.95 -13.19 -11.75
C THR D 135 4.73 -11.82 -11.14
N SER D 136 5.13 -11.68 -9.87
CA SER D 136 5.17 -10.39 -9.21
C SER D 136 6.52 -10.19 -8.52
N LEU D 137 6.91 -8.94 -8.32
CA LEU D 137 8.07 -8.58 -7.53
C LEU D 137 7.90 -8.98 -6.07
N MET D 138 6.65 -9.09 -5.62
CA MET D 138 6.38 -9.54 -4.25
C MET D 138 5.31 -10.65 -4.17
N ASN D 139 5.20 -11.25 -3.00
CA ASN D 139 4.13 -12.19 -2.68
C ASN D 139 2.88 -11.38 -2.36
N VAL D 140 2.22 -10.91 -3.39
CA VAL D 140 1.18 -9.87 -3.23
C VAL D 140 -0.15 -10.48 -2.80
N SER D 141 -1.13 -9.62 -2.51
CA SER D 141 -2.39 -10.07 -1.95
C SER D 141 -3.17 -10.95 -2.93
N ALA D 142 -2.95 -10.79 -4.24
CA ALA D 142 -3.59 -11.67 -5.24
C ALA D 142 -3.22 -13.15 -5.08
N PHE D 143 -2.04 -13.44 -4.54
CA PHE D 143 -1.61 -14.80 -4.23
C PHE D 143 -2.10 -15.25 -2.86
N ALA D 144 -3.23 -14.70 -2.41
CA ALA D 144 -3.72 -14.96 -1.06
C ALA D 144 -4.52 -16.24 -1.06
N GLY D 145 -4.15 -17.14 -0.15
CA GLY D 145 -4.80 -18.44 -0.07
C GLY D 145 -4.34 -19.45 -1.09
N ARG D 146 -3.46 -19.08 -2.00
CA ARG D 146 -3.00 -20.04 -2.99
C ARG D 146 -2.06 -21.02 -2.29
N PRO D 147 -2.29 -22.32 -2.47
CA PRO D 147 -1.53 -23.32 -1.73
C PRO D 147 -0.08 -23.53 -2.21
N ILE D 148 0.32 -23.01 -3.36
CA ILE D 148 1.69 -23.16 -3.86
C ILE D 148 2.28 -21.79 -4.16
N ILE D 149 3.42 -21.48 -3.55
CA ILE D 149 4.14 -20.24 -3.83
C ILE D 149 5.48 -20.62 -4.45
N THR D 150 5.74 -20.14 -5.67
CA THR D 150 7.02 -20.36 -6.33
C THR D 150 7.88 -19.09 -6.31
N LYS D 151 9.15 -19.26 -5.94
CA LYS D 151 10.16 -18.22 -5.96
C LYS D 151 11.16 -18.50 -7.08
N PHE D 152 11.24 -17.59 -8.05
CA PHE D 152 12.08 -17.78 -9.22
C PHE D 152 13.31 -16.91 -9.09
N LYS D 153 14.48 -17.51 -9.12
CA LYS D 153 15.74 -16.79 -9.17
C LYS D 153 16.05 -16.45 -10.64
N VAL D 154 16.00 -15.18 -10.99
CA VAL D 154 16.20 -14.72 -12.36
C VAL D 154 17.52 -13.92 -12.42
N ALA D 155 18.45 -14.35 -13.25
CA ALA D 155 19.77 -13.73 -13.32
C ALA D 155 19.78 -12.41 -14.09
N LYS D 156 20.70 -11.52 -13.71
CA LYS D 156 21.04 -10.32 -14.47
C LYS D 156 21.12 -10.58 -15.99
N GLY D 157 20.48 -9.71 -16.77
CA GLY D 157 20.49 -9.80 -18.22
C GLY D 157 19.33 -10.56 -18.84
N SER D 158 18.55 -11.24 -18.01
CA SER D 158 17.44 -12.09 -18.47
C SER D 158 16.25 -11.27 -18.92
N LYS D 159 15.49 -11.83 -19.85
CA LYS D 159 14.26 -11.21 -20.30
C LYS D 159 13.19 -11.23 -19.18
N ALA D 160 12.71 -10.03 -18.84
CA ALA D 160 11.70 -9.83 -17.80
C ALA D 160 11.24 -8.38 -17.81
N GLY D 161 9.93 -8.17 -17.80
CA GLY D 161 9.36 -6.85 -17.98
C GLY D 161 8.36 -6.43 -16.92
N TYR D 162 8.57 -5.23 -16.39
CA TYR D 162 7.65 -4.59 -15.47
C TYR D 162 6.57 -3.88 -16.28
N ILE D 163 5.37 -4.48 -16.32
CA ILE D 163 4.33 -4.01 -17.24
C ILE D 163 3.16 -3.18 -16.63
N ASP D 164 3.20 -2.84 -15.34
CA ASP D 164 2.16 -1.96 -14.77
C ASP D 164 2.01 -0.59 -15.48
N PRO D 165 3.11 0.06 -15.89
CA PRO D 165 3.02 1.31 -16.65
C PRO D 165 2.47 1.16 -18.08
N ILE D 166 2.30 -0.07 -18.55
CA ILE D 166 1.79 -0.31 -19.89
C ILE D 166 0.30 -0.61 -19.86
N SER D 167 -0.17 -1.34 -18.85
CA SER D 167 -1.57 -1.77 -18.79
C SER D 167 -2.15 -1.65 -17.38
N ALA D 168 -3.26 -0.94 -17.28
CA ALA D 168 -4.03 -0.86 -16.04
C ALA D 168 -4.58 -2.22 -15.64
N PHE D 169 -4.72 -3.14 -16.60
CA PHE D 169 -5.26 -4.49 -16.35
C PHE D 169 -4.23 -5.46 -15.78
N ALA D 170 -2.96 -5.04 -15.72
CA ALA D 170 -1.90 -5.86 -15.15
C ALA D 170 -2.06 -6.02 -13.66
N GLY D 171 -1.53 -7.13 -13.14
CA GLY D 171 -1.53 -7.39 -11.72
C GLY D 171 -0.54 -6.51 -10.98
N GLN D 172 -0.65 -6.53 -9.67
CA GLN D 172 0.21 -5.74 -8.79
C GLN D 172 1.68 -6.14 -8.92
N LEU D 173 2.52 -5.16 -9.25
CA LEU D 173 3.95 -5.34 -9.48
C LEU D 173 4.29 -6.48 -10.45
N GLU D 174 3.52 -6.61 -11.54
CA GLU D 174 3.66 -7.72 -12.47
C GLU D 174 4.95 -7.65 -13.30
N MET D 175 5.66 -8.76 -13.33
CA MET D 175 6.82 -8.97 -14.20
C MET D 175 6.49 -10.13 -15.12
N LEU D 176 6.57 -9.90 -16.42
CA LEU D 176 6.26 -10.91 -17.39
C LEU D 176 7.55 -11.55 -17.90
N LEU D 177 7.52 -12.88 -18.03
CA LEU D 177 8.66 -13.63 -18.57
C LEU D 177 8.24 -14.24 -19.91
N PRO D 178 9.22 -14.44 -20.80
CA PRO D 178 8.92 -14.94 -22.15
C PRO D 178 8.32 -16.33 -22.15
N ARG D 179 7.55 -16.64 -23.20
CA ARG D 179 7.06 -18.00 -23.38
C ARG D 179 8.20 -18.98 -23.69
N HIS D 180 7.93 -20.28 -23.53
CA HIS D 180 8.89 -21.34 -23.78
C HIS D 180 10.15 -21.23 -22.90
N SER D 181 9.96 -20.80 -21.65
CA SER D 181 11.05 -20.77 -20.68
C SER D 181 11.18 -22.10 -19.97
N THR D 182 12.40 -22.39 -19.54
CA THR D 182 12.70 -23.56 -18.73
C THR D 182 13.21 -23.07 -17.38
N TYR D 183 12.74 -23.68 -16.30
CA TYR D 183 13.30 -23.43 -14.99
C TYR D 183 13.57 -24.76 -14.33
N HIS D 184 14.55 -24.78 -13.42
CA HIS D 184 14.94 -25.96 -12.65
C HIS D 184 14.40 -25.79 -11.23
N ILE D 185 13.70 -26.79 -10.71
CA ILE D 185 13.20 -26.78 -9.32
C ILE D 185 14.32 -27.16 -8.35
N ASP D 186 14.77 -26.21 -7.56
CA ASP D 186 15.88 -26.42 -6.62
C ASP D 186 15.45 -26.97 -5.27
N ASP D 187 14.29 -26.55 -4.78
CA ASP D 187 13.85 -26.84 -3.42
C ASP D 187 12.32 -26.82 -3.31
N MET D 188 11.78 -27.73 -2.52
CA MET D 188 10.36 -27.76 -2.22
C MET D 188 10.22 -28.06 -0.74
N ARG D 189 9.57 -27.15 -0.01
CA ARG D 189 9.32 -27.33 1.43
C ARG D 189 7.97 -26.75 1.85
N LEU D 190 7.44 -27.24 2.96
CA LEU D 190 6.20 -26.70 3.52
C LEU D 190 6.44 -25.42 4.29
N SER D 191 5.42 -24.55 4.28
CA SER D 191 5.46 -23.30 5.02
C SER D 191 5.35 -23.57 6.52
N SER D 192 5.48 -22.53 7.32
CA SER D 192 5.56 -22.68 8.78
C SER D 192 4.28 -23.28 9.33
N ASP D 193 3.13 -22.79 8.86
CA ASP D 193 1.83 -23.32 9.32
C ASP D 193 1.35 -24.56 8.57
N GLY D 194 2.16 -25.06 7.64
CA GLY D 194 1.86 -26.29 6.93
C GLY D 194 0.77 -26.16 5.87
N LYS D 195 0.44 -24.94 5.47
CA LYS D 195 -0.70 -24.68 4.57
C LYS D 195 -0.30 -24.34 3.13
N GLN D 196 1.00 -24.23 2.87
CA GLN D 196 1.51 -23.88 1.54
C GLN D 196 2.80 -24.66 1.23
N ILE D 197 2.95 -25.07 -0.01
CA ILE D 197 4.24 -25.56 -0.51
C ILE D 197 5.01 -24.36 -1.04
N ILE D 198 6.23 -24.17 -0.56
CA ILE D 198 7.13 -23.16 -1.07
C ILE D 198 8.17 -23.79 -1.99
N ILE D 199 8.15 -23.41 -3.26
CA ILE D 199 9.04 -23.96 -4.26
C ILE D 199 10.07 -22.91 -4.64
N THR D 200 11.35 -23.26 -4.59
CA THR D 200 12.39 -22.37 -5.09
C THR D 200 12.94 -22.89 -6.41
N ALA D 201 13.02 -22.02 -7.40
CA ALA D 201 13.43 -22.43 -8.74
C ALA D 201 14.38 -21.44 -9.39
N THR D 202 15.33 -21.94 -10.16
CA THR D 202 16.20 -21.09 -10.97
C THR D 202 15.74 -21.02 -12.43
N MET D 203 15.43 -19.80 -12.88
CA MET D 203 15.02 -19.56 -14.27
C MET D 203 16.21 -19.68 -15.19
N MET D 204 16.03 -20.35 -16.33
CA MET D 204 17.15 -20.61 -17.26
C MET D 204 17.08 -19.87 -18.60
N GLY D 205 15.91 -19.41 -19.00
CA GLY D 205 15.75 -18.71 -20.27
C GLY D 205 14.91 -19.51 -21.26
N THR D 206 14.82 -19.02 -22.49
CA THR D 206 13.87 -19.56 -23.47
C THR D 206 14.48 -19.83 -24.83
N ALA D 207 13.77 -20.65 -25.61
CA ALA D 207 14.02 -20.79 -27.05
C ALA D 207 13.30 -19.67 -27.79
N ILE D 208 13.44 -19.56 -29.00
S SO4 E . -4.48 21.59 -24.18
O1 SO4 E . -3.32 20.82 -24.59
O2 SO4 E . -4.35 21.94 -22.77
O3 SO4 E . -4.58 22.83 -24.96
O4 SO4 E . -5.69 20.79 -24.39
S SO4 F . -19.95 -3.95 19.28
O1 SO4 F . -18.77 -4.07 18.43
O2 SO4 F . -19.90 -5.01 20.29
O3 SO4 F . -19.93 -2.65 19.95
O4 SO4 F . -21.17 -4.05 18.49
S SO4 G . -2.69 -15.87 -13.07
O1 SO4 G . -1.93 -16.55 -14.14
O2 SO4 G . -2.82 -16.74 -11.91
O3 SO4 G . -1.97 -14.66 -12.70
O4 SO4 G . -4.03 -15.56 -13.58
#